data_8VBF
#
_entry.id   8VBF
#
_cell.length_a   1.00
_cell.length_b   1.00
_cell.length_c   1.00
_cell.angle_alpha   90.00
_cell.angle_beta   90.00
_cell.angle_gamma   90.00
#
_symmetry.space_group_name_H-M   'P 1'
#
loop_
_entity.id
_entity.type
_entity.pdbx_description
1 polymer 'HIV-1 reverse transcriptase/ribonuclease H P66 subunit'
2 polymer 'HIV-1 reverse transcriptase P51 subunit'
3 polymer 'DNA (40-MER)'
4 non-polymer "2'-DEOXYADENOSINE 5'-TRIPHOSPHATE"
5 non-polymer 'PYROPHOSPHATE 2-'
6 non-polymer 'MAGNESIUM ION'
#
loop_
_entity_poly.entity_id
_entity_poly.type
_entity_poly.pdbx_seq_one_letter_code
_entity_poly.pdbx_strand_id
1 'polypeptide(L)'
;MVPISPIETVPVKLKPGMDGPKVKQWPLTEEKIKALVEICTEMEKEGKISKIGPENPYNTPVFAIKKKDSTKWRKLVDFR
ELNKRTQDFWEVQLGIPHPAGLKKKKSVTVLDVGDAYFSVPLDEDFRKYTAFTIPSINNETPGIRYQYNVLPQGWKGSPA
IFQSSMTKILEPFKKQNPDIVIYQYMDDLYVGSDLEIGQHRTKIEELRQHLLRWGLTTPDKKHQKEPPFLWMGYELHPDK
WTVQPIVLPEKDSWTVNDIQKLVGKLNWASQIYPGIKVRQLSKLLRGTKALTEVIPLTEEAELELAENREILKEPVHGVY
YDPSKDLIAEIQKQGQGQWTYQIYQEPFKNLKTGKYARMRGAHTNDVKQLTEAVQKITTESIVIWGKTPKFKLPIQKETW
ETWWTEYWQATWIPEWEFVNTPPLVKLWYQLEKEPIVGAETFYVDGAANRETKLGKAGYVTNKGRQKVVPLTNTTNQKTE
LQAIYLALQDSGLEVNIVTNSQYALGIIQAQPDKSESELVNQIIEQLIKKEKVYLAWVPAHKGIGGNEQVDKLVSAG
;
A
2 'polypeptide(L)'
;MAHHHHHHALEVLFQGPISPIETVPVKLKPGMDGPKVKQWPLTEEKIKALVEICTEMEKEGKISKIGPENPYNTPVFAIK
KKDSTKWRKLVDFRELNKRTQDFWEVQLGIPHPAGLKKKKSVTVLDVGDAYFSVPLDEDFRKYTAFTIPSINNETPGIRY
QYNVLPQGWKGSPAIFQSSMTKILEPFKKQNPDIVIYQYMDDLYVGSDLEIGQHRTKIEELRQHLLRWGLTTPDKKHQKE
PPFLWMGYELHPDKWTVQPIVLPEKDSWTVNDIQKLVGKLNWASQIYPGIKVRQLCKLLRGTKALTEVIPLTEEAELELA
ENREILKEPVHGVYYDPSKDLIAEIQKQGQGQWTYQIYQEPFKNLKTGKYARMRGAHTNDVKQLTEAVQKITTESIVIWG
KTPKFKLPIQKETWETWWTEYWQATWIPEWEFVNTPPLVKLWYQ
;
B
3 'polydeoxyribonucleotide'
;(DT)(DA)(DA)(DT)(DT)(DC)(OMC)(DC)(OMC)(DC)(DC)(DC)(DT)(DT)(DC)(DG)(DG)(DT)(DG)
(DC)(DT)(DT)(DT)(DG)(DC)(DA)(DC)(DC)(DG)(DA)(DA)(DG)(DG)(DG)(DG)(DG)(DG)(DG)(DA)
(DA)
;
F
#
# COMPACT_ATOMS: atom_id res chain seq x y z
N PRO A 3 -21.89 26.56 29.09
CA PRO A 3 -20.66 26.10 29.74
C PRO A 3 -20.04 24.90 29.04
N ILE A 4 -19.94 23.79 29.75
CA ILE A 4 -19.36 22.57 29.20
C ILE A 4 -20.47 21.68 28.68
N SER A 5 -20.11 20.74 27.80
CA SER A 5 -21.08 19.90 27.13
C SER A 5 -21.63 18.82 28.07
N PRO A 6 -22.88 18.41 27.88
CA PRO A 6 -23.40 17.27 28.61
C PRO A 6 -23.03 15.94 27.96
N ILE A 7 -22.08 15.97 27.02
CA ILE A 7 -21.70 14.75 26.32
C ILE A 7 -20.99 13.81 27.30
N GLU A 8 -21.18 12.51 27.08
CA GLU A 8 -20.55 11.51 27.93
C GLU A 8 -19.03 11.58 27.78
N THR A 9 -18.35 11.16 28.86
CA THR A 9 -16.90 11.20 28.91
C THR A 9 -16.32 9.87 28.45
N VAL A 10 -15.27 9.95 27.64
CA VAL A 10 -14.59 8.75 27.13
C VAL A 10 -13.68 8.20 28.22
N PRO A 11 -13.85 6.94 28.63
CA PRO A 11 -13.01 6.38 29.69
C PRO A 11 -11.56 6.29 29.24
N VAL A 12 -10.67 6.93 30.01
CA VAL A 12 -9.24 6.97 29.71
C VAL A 12 -8.48 6.46 30.92
N LYS A 13 -7.53 5.56 30.68
CA LYS A 13 -6.70 5.00 31.74
C LYS A 13 -5.24 5.09 31.33
N LEU A 14 -4.36 4.86 32.30
CA LEU A 14 -2.93 4.83 32.04
C LEU A 14 -2.48 3.42 31.69
N LYS A 15 -1.26 3.32 31.15
CA LYS A 15 -0.67 2.03 30.91
C LYS A 15 -0.42 1.32 32.23
N PRO A 16 -0.47 -0.01 32.26
CA PRO A 16 -0.34 -0.73 33.53
C PRO A 16 0.98 -0.44 34.22
N GLY A 17 0.94 -0.32 35.54
CA GLY A 17 2.14 -0.05 36.31
C GLY A 17 2.78 1.29 36.02
N MET A 18 1.98 2.35 35.91
CA MET A 18 2.48 3.69 35.66
C MET A 18 1.74 4.69 36.53
N ASP A 19 2.37 5.84 36.74
CA ASP A 19 1.82 6.92 37.56
C ASP A 19 1.90 8.23 36.79
N GLY A 20 1.31 9.27 37.35
CA GLY A 20 1.23 10.55 36.70
C GLY A 20 2.52 11.32 36.78
N PRO A 21 2.59 12.41 36.02
CA PRO A 21 3.82 13.21 35.97
C PRO A 21 4.02 14.00 37.25
N LYS A 22 5.28 14.29 37.55
CA LYS A 22 5.66 15.08 38.72
C LYS A 22 6.76 16.07 38.33
N VAL A 23 6.59 16.72 37.18
CA VAL A 23 7.60 17.63 36.65
C VAL A 23 7.34 19.02 37.21
N LYS A 24 8.34 19.59 37.87
CA LYS A 24 8.21 20.91 38.46
C LYS A 24 8.10 21.97 37.36
N GLN A 25 7.20 22.94 37.57
CA GLN A 25 7.01 24.02 36.62
C GLN A 25 8.29 24.84 36.47
N TRP A 26 8.62 25.17 35.22
CA TRP A 26 9.77 26.04 34.99
C TRP A 26 9.37 27.50 35.08
N PRO A 27 10.30 28.37 35.48
CA PRO A 27 10.00 29.80 35.59
C PRO A 27 9.50 30.38 34.28
N LEU A 28 8.55 31.31 34.37
CA LEU A 28 7.96 31.96 33.21
C LEU A 28 8.23 33.46 33.27
N THR A 29 8.34 34.07 32.09
CA THR A 29 8.60 35.50 32.00
C THR A 29 7.37 36.29 32.47
N GLU A 30 7.62 37.50 32.97
CA GLU A 30 6.60 38.29 33.65
C GLU A 30 5.35 38.48 32.80
N GLU A 31 5.51 38.61 31.48
CA GLU A 31 4.35 38.83 30.62
C GLU A 31 3.39 37.65 30.61
N LYS A 32 3.91 36.42 30.66
CA LYS A 32 3.08 35.24 30.50
C LYS A 32 2.36 34.81 31.78
N ILE A 33 2.78 35.29 32.95
CA ILE A 33 2.04 34.95 34.16
C ILE A 33 0.70 35.70 34.19
N LYS A 34 0.71 36.99 33.86
CA LYS A 34 -0.53 37.74 33.88
C LYS A 34 -1.50 37.23 32.83
N ALA A 35 -1.00 36.65 31.74
CA ALA A 35 -1.87 36.04 30.75
C ALA A 35 -2.43 34.71 31.23
N LEU A 36 -1.79 34.10 32.23
CA LEU A 36 -2.23 32.81 32.76
C LEU A 36 -3.19 32.96 33.93
N VAL A 37 -2.94 33.90 34.84
CA VAL A 37 -3.85 34.10 35.96
C VAL A 37 -5.21 34.57 35.46
N GLU A 38 -5.22 35.40 34.42
CA GLU A 38 -6.49 35.81 33.80
C GLU A 38 -7.23 34.60 33.23
N ILE A 39 -6.53 33.78 32.44
CA ILE A 39 -7.16 32.63 31.82
C ILE A 39 -7.65 31.65 32.88
N CYS A 40 -6.80 31.37 33.87
CA CYS A 40 -7.18 30.43 34.92
C CYS A 40 -8.35 30.96 35.74
N THR A 41 -8.39 32.27 36.01
CA THR A 41 -9.53 32.83 36.71
C THR A 41 -10.80 32.69 35.89
N GLU A 42 -10.73 32.93 34.59
CA GLU A 42 -11.93 32.79 33.76
C GLU A 42 -12.42 31.36 33.71
N MET A 43 -11.53 30.39 33.50
CA MET A 43 -12.01 29.01 33.39
C MET A 43 -12.34 28.40 34.75
N GLU A 44 -11.83 28.97 35.84
CA GLU A 44 -12.13 28.42 37.15
C GLU A 44 -13.57 28.73 37.57
N LYS A 45 -14.11 29.86 37.13
CA LYS A 45 -15.48 30.22 37.48
C LYS A 45 -16.47 29.32 36.78
N GLU A 46 -16.17 28.86 35.57
CA GLU A 46 -17.06 28.04 34.78
C GLU A 46 -16.94 26.56 35.08
N GLY A 47 -16.07 26.16 36.00
CA GLY A 47 -15.87 24.76 36.30
C GLY A 47 -14.96 24.04 35.34
N LYS A 48 -14.34 24.75 34.40
CA LYS A 48 -13.43 24.10 33.46
C LYS A 48 -12.20 23.55 34.16
N ILE A 49 -11.65 24.30 35.12
CA ILE A 49 -10.57 23.83 35.97
C ILE A 49 -10.95 24.08 37.42
N SER A 50 -10.64 23.12 38.27
CA SER A 50 -10.95 23.21 39.69
C SER A 50 -9.67 23.40 40.49
N LYS A 51 -9.84 23.81 41.74
CA LYS A 51 -8.73 24.00 42.66
C LYS A 51 -8.55 22.76 43.53
N ILE A 52 -7.29 22.41 43.79
CA ILE A 52 -6.94 21.21 44.53
C ILE A 52 -6.02 21.59 45.68
N GLY A 53 -5.73 20.61 46.53
CA GLY A 53 -4.89 20.83 47.68
C GLY A 53 -3.74 19.85 47.75
N PRO A 54 -3.31 19.52 48.97
CA PRO A 54 -2.18 18.60 49.13
C PRO A 54 -2.52 17.15 48.83
N GLU A 55 -3.80 16.83 48.61
CA GLU A 55 -4.19 15.46 48.31
C GLU A 55 -3.70 14.98 46.96
N ASN A 56 -3.29 15.89 46.08
CA ASN A 56 -2.88 15.53 44.73
C ASN A 56 -1.40 15.83 44.54
N PRO A 57 -0.55 14.80 44.37
CA PRO A 57 0.90 15.05 44.31
C PRO A 57 1.41 15.36 42.90
N TYR A 58 0.63 15.04 41.87
CA TYR A 58 1.09 15.17 40.51
C TYR A 58 1.17 16.64 40.10
N ASN A 59 2.01 16.91 39.10
CA ASN A 59 2.20 18.25 38.56
C ASN A 59 2.65 18.14 37.12
N THR A 60 2.49 19.24 36.39
CA THR A 60 2.88 19.30 34.98
C THR A 60 3.13 20.76 34.61
N PRO A 61 4.19 21.06 33.87
CA PRO A 61 4.45 22.46 33.50
C PRO A 61 3.42 22.99 32.53
N VAL A 62 3.23 24.31 32.57
CA VAL A 62 2.34 25.00 31.66
C VAL A 62 3.06 26.20 31.06
N PHE A 63 2.56 26.65 29.92
CA PHE A 63 3.08 27.83 29.24
C PHE A 63 1.98 28.38 28.34
N ALA A 64 2.32 29.40 27.56
CA ALA A 64 1.33 30.04 26.71
C ALA A 64 1.97 30.49 25.41
N ILE A 65 1.20 30.40 24.33
CA ILE A 65 1.62 30.95 23.04
C ILE A 65 0.60 32.00 22.63
N LYS A 66 0.85 32.66 21.50
CA LYS A 66 -0.08 33.63 20.95
C LYS A 66 -0.95 32.97 19.89
N LYS A 67 -2.26 33.18 19.99
CA LYS A 67 -3.21 32.61 19.05
C LYS A 67 -3.09 33.31 17.70
N LYS A 68 -3.78 32.74 16.71
CA LYS A 68 -3.81 33.35 15.38
C LYS A 68 -4.45 34.73 15.39
N ASP A 69 -5.21 35.08 16.44
CA ASP A 69 -5.82 36.44 16.55
C ASP A 69 -4.71 37.44 16.91
N SER A 70 -3.63 36.96 17.52
CA SER A 70 -2.44 37.73 17.89
C SER A 70 -2.71 38.69 19.04
N THR A 71 -3.88 38.59 19.68
CA THR A 71 -4.18 39.34 20.88
C THR A 71 -4.60 38.47 22.05
N LYS A 72 -5.11 37.27 21.78
CA LYS A 72 -5.49 36.33 22.83
C LYS A 72 -4.41 35.27 22.99
N TRP A 73 -4.29 34.75 24.20
CA TRP A 73 -3.26 33.79 24.55
C TRP A 73 -3.83 32.38 24.61
N ARG A 74 -3.05 31.42 24.11
CA ARG A 74 -3.41 30.01 24.14
C ARG A 74 -2.60 29.32 25.23
N LYS A 75 -3.29 28.73 26.20
CA LYS A 75 -2.66 28.06 27.33
C LYS A 75 -2.39 26.61 26.99
N LEU A 76 -1.14 26.17 27.15
CA LEU A 76 -0.74 24.81 26.84
C LEU A 76 -0.07 24.18 28.05
N VAL A 77 -0.16 22.85 28.12
CA VAL A 77 0.44 22.07 29.20
C VAL A 77 1.39 21.06 28.55
N ASP A 78 2.62 21.01 29.06
CA ASP A 78 3.65 20.11 28.53
C ASP A 78 3.42 18.72 29.10
N PHE A 79 2.48 18.00 28.46
CA PHE A 79 2.06 16.68 28.94
C PHE A 79 2.90 15.55 28.38
N ARG A 80 4.17 15.83 28.03
CA ARG A 80 4.98 14.82 27.35
C ARG A 80 5.13 13.56 28.20
N GLU A 81 5.43 13.71 29.49
CA GLU A 81 5.56 12.54 30.35
C GLU A 81 4.22 11.79 30.46
N LEU A 82 3.15 12.52 30.79
CA LEU A 82 1.83 11.89 30.87
C LEU A 82 1.45 11.25 29.54
N ASN A 83 1.83 11.88 28.42
CA ASN A 83 1.61 11.27 27.12
C ASN A 83 2.35 9.93 27.01
N LYS A 84 3.56 9.87 27.57
CA LYS A 84 4.29 8.61 27.56
C LYS A 84 3.57 7.55 28.40
N ARG A 85 3.00 7.93 29.54
CA ARG A 85 2.30 6.96 30.38
C ARG A 85 0.81 6.85 30.06
N THR A 86 0.32 7.57 29.06
CA THR A 86 -1.09 7.50 28.69
C THR A 86 -1.32 6.36 27.70
N GLN A 87 -2.45 5.66 27.87
CA GLN A 87 -2.80 4.57 26.98
C GLN A 87 -2.91 5.07 25.54
N ASP A 88 -2.84 4.12 24.61
CA ASP A 88 -2.85 4.45 23.19
C ASP A 88 -4.27 4.68 22.70
N PHE A 89 -4.39 5.59 21.73
CA PHE A 89 -5.65 5.91 21.09
C PHE A 89 -5.54 5.69 19.59
N TRP A 90 -6.65 5.36 18.96
CA TRP A 90 -6.71 5.24 17.51
C TRP A 90 -7.25 6.54 16.92
N GLU A 91 -6.48 7.16 16.04
CA GLU A 91 -6.88 8.41 15.43
C GLU A 91 -8.03 8.18 14.45
N VAL A 92 -9.04 9.05 14.53
CA VAL A 92 -10.19 8.96 13.62
C VAL A 92 -10.09 9.95 12.47
N GLN A 93 -9.15 10.88 12.50
CA GLN A 93 -8.92 11.80 11.39
C GLN A 93 -8.05 11.10 10.36
N LEU A 94 -8.61 10.86 9.17
CA LEU A 94 -7.94 10.06 8.16
C LEU A 94 -7.33 10.87 7.03
N GLY A 95 -7.57 12.18 6.98
CA GLY A 95 -6.97 12.97 5.92
C GLY A 95 -7.55 14.37 5.89
N ILE A 96 -6.96 15.18 5.02
CA ILE A 96 -7.32 16.58 4.84
C ILE A 96 -8.37 16.71 3.74
N PRO A 97 -9.54 17.29 4.01
CA PRO A 97 -10.48 17.57 2.93
C PRO A 97 -9.90 18.55 1.92
N HIS A 98 -10.26 18.35 0.66
CA HIS A 98 -9.74 19.20 -0.40
C HIS A 98 -10.88 19.95 -1.08
N PRO A 99 -10.68 21.23 -1.40
CA PRO A 99 -11.74 21.98 -2.09
C PRO A 99 -12.09 21.44 -3.46
N ALA A 100 -11.17 20.73 -4.13
CA ALA A 100 -11.50 20.16 -5.42
C ALA A 100 -12.55 19.06 -5.31
N GLY A 101 -12.68 18.45 -4.14
CA GLY A 101 -13.72 17.49 -3.89
C GLY A 101 -15.05 18.08 -3.50
N LEU A 102 -15.15 19.40 -3.44
CA LEU A 102 -16.39 20.07 -3.09
C LEU A 102 -17.24 20.29 -4.33
N LYS A 103 -18.53 20.00 -4.21
CA LYS A 103 -19.48 20.28 -5.27
C LYS A 103 -20.04 21.69 -5.12
N LYS A 104 -20.42 22.28 -6.25
CA LYS A 104 -21.00 23.62 -6.20
C LYS A 104 -22.30 23.61 -5.41
N LYS A 105 -22.38 24.50 -4.42
CA LYS A 105 -23.56 24.63 -3.57
C LYS A 105 -24.13 26.03 -3.72
N LYS A 106 -25.45 26.12 -3.63
CA LYS A 106 -26.11 27.42 -3.75
C LYS A 106 -25.75 28.33 -2.58
N SER A 107 -25.70 27.79 -1.37
CA SER A 107 -25.36 28.55 -0.18
C SER A 107 -24.33 27.79 0.66
N VAL A 108 -23.37 28.57 1.18
CA VAL A 108 -22.23 28.04 1.99
C VAL A 108 -21.98 28.93 3.21
N THR A 109 -21.78 28.34 4.40
CA THR A 109 -21.44 29.06 5.66
C THR A 109 -20.32 28.29 6.37
N VAL A 110 -19.32 28.99 6.90
CA VAL A 110 -18.19 28.36 7.65
C VAL A 110 -18.31 28.80 9.10
N LEU A 111 -18.32 27.88 10.05
CA LEU A 111 -18.47 28.12 11.48
C LEU A 111 -17.28 27.55 12.23
N ASP A 112 -16.91 28.22 13.32
CA ASP A 112 -15.85 27.77 14.20
C ASP A 112 -16.36 27.75 15.64
N VAL A 113 -16.19 26.62 16.32
CA VAL A 113 -16.61 26.51 17.71
C VAL A 113 -15.61 27.22 18.60
N GLY A 114 -16.10 28.08 19.49
CA GLY A 114 -15.24 28.81 20.40
C GLY A 114 -14.85 27.97 21.59
N ASP A 115 -13.53 27.93 21.86
CA ASP A 115 -12.97 27.13 22.94
C ASP A 115 -13.42 25.68 22.83
N ALA A 116 -13.01 25.01 21.75
CA ALA A 116 -13.53 23.68 21.44
C ALA A 116 -13.17 22.67 22.52
N TYR A 117 -11.88 22.58 22.87
CA TYR A 117 -11.45 21.58 23.85
C TYR A 117 -12.05 21.85 25.23
N PHE A 118 -12.11 23.12 25.64
CA PHE A 118 -12.59 23.46 26.97
C PHE A 118 -14.07 23.23 27.16
N SER A 119 -14.81 22.92 26.09
CA SER A 119 -16.23 22.67 26.17
C SER A 119 -16.59 21.19 26.21
N VAL A 120 -15.60 20.30 26.31
CA VAL A 120 -15.81 18.87 26.32
C VAL A 120 -15.29 18.32 27.65
N PRO A 121 -16.11 17.64 28.44
CA PRO A 121 -15.65 17.13 29.74
C PRO A 121 -14.63 16.03 29.59
N LEU A 122 -13.82 15.87 30.64
CA LEU A 122 -12.78 14.86 30.70
C LEU A 122 -13.12 13.86 31.80
N ASP A 123 -12.66 12.62 31.62
CA ASP A 123 -12.95 11.56 32.57
C ASP A 123 -12.51 11.94 33.97
N GLU A 124 -13.40 11.70 34.94
CA GLU A 124 -13.13 12.12 36.32
C GLU A 124 -11.90 11.43 36.88
N ASP A 125 -11.84 10.11 36.80
CA ASP A 125 -10.75 9.33 37.36
C ASP A 125 -9.41 9.62 36.70
N PHE A 126 -9.38 10.48 35.68
CA PHE A 126 -8.15 10.90 35.03
C PHE A 126 -7.77 12.33 35.36
N ARG A 127 -8.72 13.14 35.85
CA ARG A 127 -8.48 14.58 36.00
C ARG A 127 -7.31 14.86 36.93
N LYS A 128 -7.10 14.02 37.95
CA LYS A 128 -6.02 14.27 38.91
C LYS A 128 -4.66 14.22 38.24
N TYR A 129 -4.52 13.49 37.14
CA TYR A 129 -3.24 13.44 36.44
C TYR A 129 -2.97 14.70 35.63
N THR A 130 -3.94 15.61 35.53
CA THR A 130 -3.80 16.82 34.73
C THR A 130 -3.47 18.04 35.56
N ALA A 131 -3.01 17.85 36.79
CA ALA A 131 -2.77 18.96 37.70
C ALA A 131 -1.65 19.86 37.19
N PHE A 132 -1.70 21.13 37.58
CA PHE A 132 -0.68 22.09 37.20
C PHE A 132 -0.69 23.23 38.19
N THR A 133 0.33 24.08 38.11
CA THR A 133 0.53 25.21 39.01
C THR A 133 0.74 26.48 38.21
N ILE A 134 0.22 27.59 38.68
CA ILE A 134 0.49 28.87 37.94
C ILE A 134 1.60 29.57 38.68
N PRO A 135 2.72 29.90 38.01
CA PRO A 135 3.87 30.45 38.69
C PRO A 135 3.75 31.97 38.88
N SER A 136 2.98 32.44 39.87
CA SER A 136 2.94 33.91 40.11
C SER A 136 4.36 34.33 40.45
N ILE A 137 4.83 35.45 39.89
CA ILE A 137 6.27 35.81 40.07
C ILE A 137 6.35 36.87 41.15
N ASN A 138 5.27 37.06 41.89
CA ASN A 138 5.34 37.99 43.06
C ASN A 138 6.13 37.27 44.15
N ASN A 139 5.58 37.20 45.36
CA ASN A 139 6.30 36.39 46.39
C ASN A 139 6.55 35.06 45.70
N GLU A 140 7.82 34.75 45.36
CA GLU A 140 8.14 33.52 44.59
C GLU A 140 7.05 32.48 44.82
N THR A 141 6.79 32.10 46.08
CA THR A 141 5.67 31.18 46.39
C THR A 141 4.70 31.93 47.32
N PRO A 142 3.39 31.60 47.39
CA PRO A 142 2.88 30.34 46.87
C PRO A 142 2.21 30.39 45.49
N GLY A 143 2.39 29.33 44.70
CA GLY A 143 1.69 29.24 43.42
C GLY A 143 0.38 28.50 43.62
N ILE A 144 -0.64 28.86 42.87
CA ILE A 144 -1.96 28.25 42.98
C ILE A 144 -2.03 27.03 42.07
N ARG A 145 -2.65 25.97 42.56
CA ARG A 145 -2.70 24.67 41.88
C ARG A 145 -4.11 24.40 41.38
N TYR A 146 -4.21 23.99 40.12
CA TYR A 146 -5.49 23.59 39.53
C TYR A 146 -5.38 22.19 38.95
N GLN A 147 -6.55 21.64 38.62
CA GLN A 147 -6.65 20.43 37.81
C GLN A 147 -7.72 20.65 36.75
N TYR A 148 -7.47 20.09 35.57
CA TYR A 148 -8.40 20.23 34.45
C TYR A 148 -9.64 19.39 34.68
N ASN A 149 -10.81 19.95 34.35
CA ASN A 149 -12.05 19.20 34.29
C ASN A 149 -12.52 18.98 32.86
N VAL A 150 -11.81 19.52 31.88
CA VAL A 150 -12.18 19.39 30.47
C VAL A 150 -10.96 18.92 29.70
N LEU A 151 -11.08 18.81 28.39
CA LEU A 151 -9.96 18.36 27.57
C LEU A 151 -8.86 19.42 27.54
N PRO A 152 -7.64 19.10 27.94
CA PRO A 152 -6.55 20.08 27.88
C PRO A 152 -5.81 20.03 26.56
N GLN A 153 -5.28 21.18 26.16
CA GLN A 153 -4.44 21.26 24.98
C GLN A 153 -3.02 20.88 25.35
N GLY A 154 -2.40 20.06 24.50
CA GLY A 154 -1.11 19.47 24.77
C GLY A 154 -1.16 18.00 25.10
N TRP A 155 -2.33 17.47 25.43
CA TRP A 155 -2.50 16.06 25.67
C TRP A 155 -2.68 15.33 24.36
N LYS A 156 -2.14 14.10 24.29
CA LYS A 156 -2.19 13.34 23.04
C LYS A 156 -3.58 12.78 22.76
N GLY A 157 -4.35 12.48 23.79
CA GLY A 157 -5.68 11.94 23.59
C GLY A 157 -6.76 12.96 23.32
N SER A 158 -6.46 14.24 23.50
CA SER A 158 -7.48 15.28 23.30
C SER A 158 -8.01 15.34 21.87
N PRO A 159 -7.18 15.34 20.83
CA PRO A 159 -7.74 15.44 19.47
C PRO A 159 -8.68 14.30 19.12
N ALA A 160 -8.29 13.05 19.39
CA ALA A 160 -9.13 11.92 19.06
C ALA A 160 -10.44 11.96 19.84
N ILE A 161 -10.37 12.29 21.13
CA ILE A 161 -11.58 12.34 21.95
C ILE A 161 -12.51 13.45 21.45
N PHE A 162 -11.97 14.61 21.12
CA PHE A 162 -12.81 15.71 20.66
C PHE A 162 -13.46 15.40 19.32
N GLN A 163 -12.68 14.82 18.38
CA GLN A 163 -13.23 14.55 17.06
C GLN A 163 -14.38 13.56 17.12
N SER A 164 -14.25 12.51 17.93
CA SER A 164 -15.31 11.53 18.06
C SER A 164 -16.50 12.07 18.86
N SER A 165 -16.27 13.06 19.72
CA SER A 165 -17.38 13.63 20.49
C SER A 165 -18.19 14.62 19.65
N MET A 166 -17.54 15.31 18.72
CA MET A 166 -18.21 16.33 17.85
C MET A 166 -18.99 15.64 16.75
N THR A 167 -18.61 14.43 16.37
CA THR A 167 -19.40 13.65 15.42
C THR A 167 -20.71 13.18 16.06
N LYS A 168 -20.65 12.73 17.32
CA LYS A 168 -21.87 12.34 18.02
C LYS A 168 -22.81 13.52 18.20
N ILE A 169 -22.30 14.74 18.26
CA ILE A 169 -23.13 15.97 18.44
C ILE A 169 -23.74 16.39 17.11
N LEU A 170 -23.02 16.18 16.02
CA LEU A 170 -23.57 16.53 14.71
C LEU A 170 -24.45 15.44 14.12
N GLU A 171 -24.38 14.22 14.65
CA GLU A 171 -25.19 13.13 14.09
C GLU A 171 -26.70 13.38 14.16
N PRO A 172 -27.27 13.82 15.30
CA PRO A 172 -28.71 14.09 15.30
C PRO A 172 -29.12 15.16 14.30
N PHE A 173 -28.28 16.16 14.05
CA PHE A 173 -28.63 17.17 13.05
C PHE A 173 -28.57 16.59 11.64
N LYS A 174 -27.56 15.76 11.36
CA LYS A 174 -27.41 15.22 10.02
C LYS A 174 -28.43 14.13 9.70
N LYS A 175 -28.95 13.45 10.72
CA LYS A 175 -29.90 12.37 10.45
C LYS A 175 -31.23 12.89 9.96
N GLN A 176 -31.54 14.16 10.22
CA GLN A 176 -32.81 14.76 9.80
C GLN A 176 -32.65 15.84 8.75
N ASN A 177 -31.43 16.10 8.27
CA ASN A 177 -31.18 17.07 7.22
C ASN A 177 -30.25 16.44 6.18
N PRO A 178 -30.74 15.44 5.44
CA PRO A 178 -29.87 14.77 4.46
C PRO A 178 -29.43 15.67 3.32
N ASP A 179 -30.16 16.75 3.04
CA ASP A 179 -29.79 17.67 1.96
C ASP A 179 -28.70 18.64 2.35
N ILE A 180 -28.27 18.64 3.61
CA ILE A 180 -27.23 19.53 4.10
C ILE A 180 -25.91 18.76 4.11
N VAL A 181 -24.87 19.33 3.51
CA VAL A 181 -23.55 18.73 3.52
C VAL A 181 -22.71 19.45 4.57
N ILE A 182 -22.15 18.68 5.50
CA ILE A 182 -21.38 19.24 6.61
C ILE A 182 -19.97 18.65 6.55
N TYR A 183 -19.00 19.51 6.27
CA TYR A 183 -17.59 19.14 6.29
C TYR A 183 -17.04 19.51 7.67
N GLN A 184 -16.70 18.49 8.45
CA GLN A 184 -16.28 18.66 9.84
C GLN A 184 -14.80 18.33 9.95
N TYR A 185 -13.98 19.33 10.28
CA TYR A 185 -12.57 19.13 10.58
C TYR A 185 -12.27 19.76 11.93
N MET A 186 -12.04 18.90 12.92
CA MET A 186 -11.85 19.39 14.30
C MET A 186 -13.13 20.08 14.71
N ASP A 187 -13.04 21.37 14.99
CA ASP A 187 -14.22 22.15 15.36
C ASP A 187 -14.67 23.08 14.24
N ASP A 188 -14.05 22.99 13.07
CA ASP A 188 -14.42 23.80 11.92
C ASP A 188 -15.49 23.09 11.11
N LEU A 189 -16.57 23.81 10.82
CA LEU A 189 -17.70 23.28 10.07
C LEU A 189 -17.88 24.07 8.79
N TYR A 190 -18.01 23.36 7.68
CA TYR A 190 -18.40 23.95 6.40
C TYR A 190 -19.78 23.39 6.06
N VAL A 191 -20.78 24.26 6.06
CA VAL A 191 -22.17 23.84 5.86
C VAL A 191 -22.60 24.32 4.48
N GLY A 192 -23.00 23.38 3.63
CA GLY A 192 -23.46 23.71 2.30
C GLY A 192 -24.83 23.16 2.04
N SER A 193 -25.60 23.90 1.23
CA SER A 193 -26.95 23.49 0.92
C SER A 193 -27.39 24.14 -0.39
N ASP A 194 -28.38 23.51 -1.02
CA ASP A 194 -28.98 24.03 -2.23
C ASP A 194 -30.19 24.92 -1.98
N LEU A 195 -30.55 25.13 -0.71
CA LEU A 195 -31.66 26.01 -0.39
C LEU A 195 -31.27 27.46 -0.68
N GLU A 196 -32.30 28.31 -0.78
CA GLU A 196 -32.08 29.72 -0.98
C GLU A 196 -31.40 30.33 0.25
N ILE A 197 -30.96 31.59 0.11
CA ILE A 197 -30.18 32.22 1.16
C ILE A 197 -30.99 32.34 2.45
N GLY A 198 -32.26 32.69 2.34
CA GLY A 198 -33.08 32.86 3.54
C GLY A 198 -33.26 31.56 4.30
N GLN A 199 -33.67 30.49 3.59
CA GLN A 199 -33.85 29.20 4.23
C GLN A 199 -32.53 28.64 4.73
N HIS A 200 -31.46 28.86 3.98
CA HIS A 200 -30.15 28.39 4.43
C HIS A 200 -29.75 29.06 5.74
N ARG A 201 -29.93 30.38 5.83
CA ARG A 201 -29.59 31.08 7.07
C ARG A 201 -30.50 30.63 8.21
N THR A 202 -31.79 30.43 7.92
CA THR A 202 -32.72 29.97 8.95
C THR A 202 -32.32 28.62 9.50
N LYS A 203 -31.94 27.68 8.64
CA LYS A 203 -31.52 26.37 9.10
C LYS A 203 -30.12 26.40 9.72
N ILE A 204 -29.28 27.36 9.32
CA ILE A 204 -28.01 27.55 10.00
C ILE A 204 -28.23 27.97 11.45
N GLU A 205 -29.18 28.88 11.68
CA GLU A 205 -29.52 29.26 13.04
C GLU A 205 -30.03 28.07 13.84
N GLU A 206 -30.71 27.12 13.17
CA GLU A 206 -31.09 25.88 13.83
C GLU A 206 -29.86 25.05 14.19
N LEU A 207 -28.85 25.02 13.32
CA LEU A 207 -27.62 24.32 13.63
C LEU A 207 -26.90 24.97 14.80
N ARG A 208 -26.80 26.29 14.83
CA ARG A 208 -26.15 27.02 15.94
C ARG A 208 -26.95 26.83 17.24
N GLN A 209 -28.28 26.73 17.22
CA GLN A 209 -29.04 26.41 18.42
C GLN A 209 -28.80 24.98 18.87
N HIS A 210 -28.70 24.05 17.93
CA HIS A 210 -28.42 22.66 18.28
C HIS A 210 -27.04 22.51 18.90
N LEU A 211 -26.05 23.21 18.36
CA LEU A 211 -24.71 23.18 18.94
C LEU A 211 -24.70 23.80 20.33
N LEU A 212 -25.41 24.92 20.51
CA LEU A 212 -25.44 25.57 21.81
C LEU A 212 -26.16 24.72 22.84
N ARG A 213 -27.18 23.96 22.43
CA ARG A 213 -27.85 23.04 23.35
C ARG A 213 -26.91 21.96 23.86
N TRP A 214 -25.85 21.66 23.11
CA TRP A 214 -24.85 20.68 23.51
C TRP A 214 -23.63 21.34 24.12
N GLY A 215 -23.71 22.61 24.50
CA GLY A 215 -22.64 23.26 25.22
C GLY A 215 -21.55 23.87 24.37
N LEU A 216 -21.58 23.68 23.05
CA LEU A 216 -20.57 24.24 22.16
C LEU A 216 -21.10 25.56 21.59
N THR A 217 -20.48 26.67 21.99
CA THR A 217 -20.86 27.97 21.50
C THR A 217 -20.17 28.25 20.17
N THR A 218 -20.79 29.12 19.36
CA THR A 218 -20.28 29.49 18.05
C THR A 218 -20.22 31.01 17.98
N PRO A 219 -19.11 31.62 18.39
CA PRO A 219 -19.03 33.08 18.43
C PRO A 219 -19.20 33.69 17.05
N ASP A 220 -19.80 34.89 17.03
CA ASP A 220 -20.11 35.55 15.78
C ASP A 220 -18.87 36.07 15.05
N LYS A 221 -17.76 36.26 15.76
CA LYS A 221 -16.56 36.76 15.10
C LYS A 221 -15.93 35.70 14.20
N LYS A 222 -16.24 34.43 14.44
CA LYS A 222 -15.74 33.33 13.62
CA LYS A 222 -15.73 33.34 13.60
C LYS A 222 -16.84 32.70 12.78
N HIS A 223 -17.91 33.45 12.53
CA HIS A 223 -19.04 32.98 11.72
C HIS A 223 -18.99 33.71 10.39
N GLN A 224 -18.69 32.97 9.32
CA GLN A 224 -18.52 33.53 7.99
C GLN A 224 -19.81 33.39 7.20
N LYS A 225 -20.23 34.49 6.58
CA LYS A 225 -21.48 34.51 5.82
C LYS A 225 -21.33 34.99 4.39
N GLU A 226 -20.21 35.59 4.00
CA GLU A 226 -20.06 36.10 2.65
C GLU A 226 -18.79 35.56 2.01
N PRO A 227 -18.80 35.34 0.69
CA PRO A 227 -17.59 34.91 -0.01
C PRO A 227 -16.62 36.07 -0.18
N PRO A 228 -15.32 35.80 -0.33
CA PRO A 228 -14.67 34.48 -0.31
C PRO A 228 -14.54 33.91 1.10
N PHE A 229 -14.67 32.60 1.25
CA PHE A 229 -14.60 31.97 2.55
C PHE A 229 -13.18 31.47 2.81
N LEU A 230 -12.62 31.82 3.96
CA LEU A 230 -11.31 31.31 4.37
C LEU A 230 -11.53 29.98 5.08
N TRP A 231 -11.34 28.89 4.34
CA TRP A 231 -11.61 27.55 4.86
C TRP A 231 -10.41 26.67 4.63
N MET A 232 -9.80 26.21 5.72
CA MET A 232 -8.76 25.19 5.69
C MET A 232 -7.58 25.59 4.80
N GLY A 233 -7.22 26.87 4.86
CA GLY A 233 -6.12 27.38 4.08
C GLY A 233 -6.44 27.74 2.65
N TYR A 234 -7.71 27.69 2.26
CA TYR A 234 -8.13 28.02 0.91
C TYR A 234 -9.13 29.17 0.94
N GLU A 235 -9.18 29.89 -0.17
CA GLU A 235 -10.20 30.91 -0.41
C GLU A 235 -11.23 30.33 -1.36
N LEU A 236 -12.47 30.20 -0.88
CA LEU A 236 -13.56 29.58 -1.62
C LEU A 236 -14.49 30.68 -2.12
N HIS A 237 -14.51 30.88 -3.44
CA HIS A 237 -15.49 31.73 -4.09
C HIS A 237 -16.70 30.89 -4.47
N PRO A 238 -17.78 31.51 -4.97
CA PRO A 238 -18.96 30.72 -5.34
C PRO A 238 -18.69 29.64 -6.38
N ASP A 239 -17.76 29.86 -7.32
CA ASP A 239 -17.55 28.93 -8.40
C ASP A 239 -16.09 28.54 -8.61
N LYS A 240 -15.21 28.89 -7.67
CA LYS A 240 -13.78 28.62 -7.81
C LYS A 240 -13.15 28.58 -6.43
N TRP A 241 -11.90 28.12 -6.39
CA TRP A 241 -11.17 28.12 -5.14
C TRP A 241 -9.69 28.32 -5.42
N THR A 242 -9.03 29.04 -4.51
CA THR A 242 -7.59 29.29 -4.60
C THR A 242 -6.94 28.93 -3.28
N VAL A 243 -5.63 28.91 -3.27
CA VAL A 243 -4.88 28.83 -2.03
C VAL A 243 -4.67 30.23 -1.50
N GLN A 244 -4.63 30.37 -0.18
CA GLN A 244 -4.35 31.65 0.41
C GLN A 244 -2.95 32.10 0.00
N PRO A 245 -2.73 33.42 -0.13
CA PRO A 245 -1.51 33.89 -0.79
C PRO A 245 -0.24 33.31 -0.19
N ILE A 246 0.64 32.86 -1.07
CA ILE A 246 1.89 32.19 -0.68
C ILE A 246 3.03 33.16 -0.95
N VAL A 247 3.82 33.45 0.09
CA VAL A 247 4.92 34.39 0.00
C VAL A 247 6.22 33.59 0.03
N LEU A 248 7.04 33.77 -0.99
CA LEU A 248 8.32 33.08 -1.01
C LEU A 248 9.43 34.02 -0.56
N PRO A 249 10.39 33.53 0.22
CA PRO A 249 11.47 34.39 0.69
C PRO A 249 12.32 34.92 -0.46
N GLU A 250 12.82 36.14 -0.30
CA GLU A 250 13.71 36.79 -1.25
C GLU A 250 15.03 37.01 -0.53
N LYS A 251 15.91 36.00 -0.57
CA LYS A 251 17.16 36.01 0.17
C LYS A 251 18.34 35.97 -0.79
N ASP A 252 19.37 36.74 -0.46
CA ASP A 252 20.62 36.71 -1.21
C ASP A 252 21.59 35.67 -0.68
N SER A 253 21.28 35.05 0.45
CA SER A 253 22.11 33.98 1.01
C SER A 253 21.19 33.00 1.70
N TRP A 254 21.20 31.75 1.25
CA TRP A 254 20.26 30.73 1.71
C TRP A 254 20.98 29.71 2.57
N THR A 255 20.46 29.50 3.78
CA THR A 255 20.97 28.47 4.66
C THR A 255 20.27 27.16 4.38
N VAL A 256 20.59 26.12 5.17
CA VAL A 256 19.91 24.85 5.01
C VAL A 256 18.44 24.97 5.39
N ASN A 257 18.15 25.69 6.48
CA ASN A 257 16.75 25.84 6.90
C ASN A 257 15.95 26.65 5.89
N ASP A 258 16.54 27.71 5.34
CA ASP A 258 15.82 28.54 4.37
C ASP A 258 15.46 27.75 3.13
N ILE A 259 16.39 26.92 2.64
CA ILE A 259 16.07 26.05 1.51
C ILE A 259 15.00 25.04 1.89
N GLN A 260 15.07 24.50 3.10
CA GLN A 260 14.05 23.56 3.56
C GLN A 260 12.69 24.22 3.63
N LYS A 261 12.64 25.47 4.12
CA LYS A 261 11.37 26.19 4.15
C LYS A 261 10.86 26.48 2.74
N LEU A 262 11.76 26.87 1.83
CA LEU A 262 11.35 27.20 0.47
C LEU A 262 10.80 25.97 -0.25
N VAL A 263 11.43 24.82 -0.08
CA VAL A 263 10.95 23.59 -0.73
C VAL A 263 9.58 23.21 -0.19
N GLY A 264 9.38 23.32 1.12
CA GLY A 264 8.08 23.01 1.68
C GLY A 264 6.98 23.92 1.16
N LYS A 265 7.29 25.21 0.99
CA LYS A 265 6.31 26.15 0.46
C LYS A 265 6.04 25.97 -1.02
N LEU A 266 6.90 25.22 -1.73
CA LEU A 266 6.67 24.94 -3.14
C LEU A 266 5.92 23.65 -3.37
N ASN A 267 6.10 22.65 -2.49
CA ASN A 267 5.27 21.46 -2.55
C ASN A 267 3.82 21.79 -2.23
N TRP A 268 3.58 22.76 -1.35
CA TRP A 268 2.22 23.19 -1.06
C TRP A 268 1.64 23.97 -2.22
N ALA A 269 2.43 24.85 -2.84
CA ALA A 269 1.96 25.62 -3.99
C ALA A 269 1.78 24.77 -5.23
N SER A 270 2.33 23.56 -5.27
CA SER A 270 2.24 22.71 -6.44
C SER A 270 0.89 22.02 -6.57
N GLN A 271 0.04 22.09 -5.54
CA GLN A 271 -1.26 21.44 -5.62
C GLN A 271 -2.24 22.19 -6.52
N ILE A 272 -1.98 23.47 -6.81
CA ILE A 272 -2.79 24.20 -7.77
C ILE A 272 -1.98 24.89 -8.85
N TYR A 273 -0.70 25.20 -8.63
CA TYR A 273 0.11 25.84 -9.66
C TYR A 273 0.76 24.77 -10.54
N PRO A 274 0.69 24.91 -11.87
CA PRO A 274 1.23 23.87 -12.75
C PRO A 274 2.68 24.11 -13.11
N GLY A 275 3.44 23.01 -13.16
CA GLY A 275 4.82 23.08 -13.60
C GLY A 275 5.83 23.48 -12.55
N ILE A 276 5.51 23.30 -11.27
CA ILE A 276 6.43 23.64 -10.19
C ILE A 276 7.49 22.54 -10.10
N LYS A 277 8.75 22.93 -10.21
CA LYS A 277 9.88 22.00 -10.15
C LYS A 277 10.71 22.32 -8.92
N VAL A 278 11.06 21.28 -8.16
CA VAL A 278 11.75 21.43 -6.89
C VAL A 278 12.96 20.52 -6.75
N ARG A 279 13.23 19.66 -7.73
CA ARG A 279 14.31 18.68 -7.59
C ARG A 279 15.66 19.35 -7.45
N GLN A 280 15.93 20.37 -8.27
CA GLN A 280 17.22 21.04 -8.18
C GLN A 280 17.40 21.75 -6.84
N LEU A 281 16.34 22.36 -6.33
CA LEU A 281 16.42 23.01 -5.02
C LEU A 281 16.66 21.99 -3.92
N SER A 282 15.99 20.84 -3.97
CA SER A 282 16.17 19.81 -2.97
C SER A 282 17.50 19.09 -3.10
N LYS A 283 18.24 19.31 -4.17
CA LYS A 283 19.52 18.57 -4.37
C LYS A 283 20.58 19.23 -3.49
N LEU A 284 20.36 20.46 -3.06
CA LEU A 284 21.32 21.09 -2.16
C LEU A 284 21.18 20.62 -0.73
N LEU A 285 20.11 19.89 -0.41
CA LEU A 285 19.86 19.40 0.94
C LEU A 285 20.53 18.07 1.22
N ARG A 286 21.30 17.54 0.27
CA ARG A 286 21.96 16.25 0.44
C ARG A 286 23.31 16.44 1.12
N GLY A 287 23.49 15.80 2.27
CA GLY A 287 24.80 15.83 2.91
C GLY A 287 24.79 16.05 4.42
N THR A 288 23.61 16.26 5.00
CA THR A 288 23.46 16.54 6.43
C THR A 288 24.36 17.68 6.88
N LYS A 289 24.15 18.83 6.23
CA LYS A 289 24.98 20.00 6.48
C LYS A 289 24.39 20.87 7.58
N ALA A 290 24.21 20.30 8.78
CA ALA A 290 23.69 21.01 9.93
C ALA A 290 22.33 21.62 9.65
N LEU A 291 22.04 22.78 10.22
CA LEU A 291 20.78 23.47 9.97
C LEU A 291 21.01 24.97 9.82
N THR A 292 22.26 25.39 9.73
CA THR A 292 22.58 26.80 9.63
C THR A 292 23.65 27.04 8.56
N GLU A 293 24.25 25.96 8.06
CA GLU A 293 25.28 26.08 7.04
C GLU A 293 24.72 26.74 5.79
N VAL A 294 25.46 27.71 5.26
CA VAL A 294 25.04 28.47 4.10
C VAL A 294 25.49 27.75 2.84
N ILE A 295 24.55 27.45 1.95
CA ILE A 295 24.83 26.77 0.70
C ILE A 295 24.60 27.76 -0.44
N PRO A 296 25.62 28.09 -1.23
CA PRO A 296 25.41 28.93 -2.40
C PRO A 296 24.54 28.22 -3.43
N LEU A 297 23.77 29.02 -4.17
CA LEU A 297 22.84 28.49 -5.15
C LEU A 297 23.59 28.11 -6.42
N THR A 298 23.50 26.84 -6.81
CA THR A 298 24.08 26.40 -8.06
C THR A 298 23.28 26.95 -9.24
N GLU A 299 23.91 26.94 -10.41
CA GLU A 299 23.24 27.45 -11.60
C GLU A 299 22.03 26.60 -11.98
N GLU A 300 22.11 25.29 -11.79
CA GLU A 300 20.96 24.43 -12.08
C GLU A 300 19.82 24.64 -11.10
N ALA A 301 20.14 24.94 -9.84
CA ALA A 301 19.12 25.22 -8.83
C ALA A 301 18.62 26.65 -8.86
N GLU A 302 19.27 27.53 -9.62
CA GLU A 302 18.81 28.91 -9.76
C GLU A 302 17.75 29.04 -10.84
N LEU A 303 17.90 28.32 -11.95
CA LEU A 303 16.91 28.37 -13.01
C LEU A 303 15.56 27.82 -12.55
N GLU A 304 15.58 26.74 -11.77
CA GLU A 304 14.32 26.21 -11.23
C GLU A 304 13.65 27.21 -10.30
N LEU A 305 14.45 27.90 -9.47
CA LEU A 305 13.87 28.92 -8.60
C LEU A 305 13.29 30.08 -9.40
N ALA A 306 13.97 30.49 -10.46
CA ALA A 306 13.45 31.56 -11.31
C ALA A 306 12.15 31.14 -11.98
N GLU A 307 12.09 29.90 -12.46
CA GLU A 307 10.86 29.40 -13.09
C GLU A 307 9.73 29.32 -12.07
N ASN A 308 10.01 28.84 -10.86
CA ASN A 308 8.98 28.75 -9.83
C ASN A 308 8.48 30.11 -9.41
N ARG A 309 9.36 31.11 -9.34
CA ARG A 309 8.92 32.47 -9.02
C ARG A 309 8.06 33.06 -10.13
N GLU A 310 8.39 32.75 -11.39
CA GLU A 310 7.57 33.22 -12.50
C GLU A 310 6.18 32.60 -12.46
N ILE A 311 6.08 31.31 -12.14
CA ILE A 311 4.78 30.63 -12.12
C ILE A 311 3.87 31.27 -11.08
N LEU A 312 4.40 31.54 -9.89
CA LEU A 312 3.58 32.07 -8.80
C LEU A 312 3.17 33.53 -9.01
N LYS A 313 3.74 34.21 -10.01
CA LYS A 313 3.35 35.60 -10.26
C LYS A 313 1.90 35.69 -10.71
N GLU A 314 1.48 34.82 -11.61
CA GLU A 314 0.12 34.84 -12.14
C GLU A 314 -0.86 34.22 -11.16
N PRO A 315 -2.10 34.69 -11.12
CA PRO A 315 -3.10 34.08 -10.25
C PRO A 315 -3.68 32.82 -10.88
N VAL A 316 -3.77 31.76 -10.09
CA VAL A 316 -4.26 30.46 -10.54
C VAL A 316 -5.41 30.05 -9.64
N HIS A 317 -6.52 29.64 -10.23
N HIS A 317 -6.52 29.63 -10.25
CA HIS A 317 -7.71 29.28 -9.47
CA HIS A 317 -7.74 29.28 -9.55
C HIS A 317 -8.17 27.89 -9.84
C HIS A 317 -8.07 27.82 -9.82
N GLY A 318 -8.75 27.19 -8.86
CA GLY A 318 -9.29 25.86 -9.07
C GLY A 318 -10.76 25.91 -9.45
N VAL A 319 -11.33 24.72 -9.64
CA VAL A 319 -12.74 24.58 -9.95
C VAL A 319 -13.31 23.45 -9.10
N TYR A 320 -14.63 23.43 -8.98
CA TYR A 320 -15.31 22.47 -8.14
C TYR A 320 -15.67 21.21 -8.92
N TYR A 321 -16.01 20.16 -8.17
CA TYR A 321 -16.30 18.85 -8.76
C TYR A 321 -17.71 18.81 -9.33
N ASP A 322 -17.86 18.14 -10.46
CA ASP A 322 -19.16 17.88 -11.07
C ASP A 322 -19.39 16.39 -11.14
N PRO A 323 -20.27 15.82 -10.31
CA PRO A 323 -20.41 14.35 -10.28
C PRO A 323 -20.86 13.74 -11.61
N SER A 324 -21.64 14.47 -12.40
CA SER A 324 -22.16 13.91 -13.64
C SER A 324 -21.03 13.60 -14.62
N LYS A 325 -20.06 14.50 -14.74
CA LYS A 325 -18.99 14.34 -15.72
C LYS A 325 -17.92 13.40 -15.18
N ASP A 326 -16.89 13.18 -16.00
CA ASP A 326 -15.83 12.23 -15.70
C ASP A 326 -14.50 12.95 -15.54
N LEU A 327 -13.65 12.38 -14.70
CA LEU A 327 -12.36 12.98 -14.40
C LEU A 327 -11.30 12.55 -15.41
N ILE A 328 -10.60 13.52 -15.97
CA ILE A 328 -9.52 13.28 -16.93
C ILE A 328 -8.22 13.75 -16.29
N ALA A 329 -7.23 12.86 -16.22
CA ALA A 329 -5.92 13.17 -15.69
C ALA A 329 -4.91 13.12 -16.82
N GLU A 330 -4.18 14.21 -17.02
CA GLU A 330 -3.17 14.32 -18.07
C GLU A 330 -1.80 14.43 -17.44
N ILE A 331 -0.84 13.68 -17.96
CA ILE A 331 0.51 13.58 -17.39
C ILE A 331 1.52 14.07 -18.41
N GLN A 332 2.51 14.82 -17.94
CA GLN A 332 3.59 15.33 -18.77
C GLN A 332 4.92 14.98 -18.12
N LYS A 333 5.93 14.74 -18.96
CA LYS A 333 7.28 14.45 -18.51
C LYS A 333 8.10 15.74 -18.57
N GLN A 334 8.47 16.27 -17.40
CA GLN A 334 9.34 17.43 -17.38
C GLN A 334 10.79 17.06 -17.70
N GLY A 335 11.22 15.89 -17.25
CA GLY A 335 12.59 15.48 -17.45
C GLY A 335 13.28 15.14 -16.14
N GLN A 336 14.46 14.54 -16.24
CA GLN A 336 15.23 14.07 -15.08
C GLN A 336 14.33 13.37 -14.06
N GLY A 337 13.45 12.49 -14.54
CA GLY A 337 12.55 11.76 -13.67
C GLY A 337 11.53 12.61 -12.95
N GLN A 338 11.06 13.68 -13.58
CA GLN A 338 10.03 14.55 -13.01
C GLN A 338 8.78 14.49 -13.88
N TRP A 339 7.63 14.39 -13.22
CA TRP A 339 6.35 14.33 -13.91
C TRP A 339 5.42 15.36 -13.31
N THR A 340 4.56 15.92 -14.16
CA THR A 340 3.49 16.79 -13.72
C THR A 340 2.17 16.20 -14.18
N TYR A 341 1.10 16.47 -13.43
CA TYR A 341 -0.21 15.95 -13.81
C TYR A 341 -1.28 16.98 -13.48
N GLN A 342 -2.34 16.96 -14.28
CA GLN A 342 -3.50 17.83 -14.09
C GLN A 342 -4.75 16.98 -14.14
N ILE A 343 -5.57 17.05 -13.10
CA ILE A 343 -6.87 16.39 -13.06
C ILE A 343 -7.92 17.46 -13.28
N TYR A 344 -8.78 17.25 -14.26
CA TYR A 344 -9.80 18.23 -14.63
C TYR A 344 -11.03 17.50 -15.18
N GLN A 345 -12.04 18.29 -15.54
CA GLN A 345 -13.23 17.75 -16.16
C GLN A 345 -13.51 18.46 -17.48
N GLU A 346 -13.22 19.75 -17.52
CA GLU A 346 -13.21 20.55 -18.74
C GLU A 346 -11.78 20.92 -19.10
N PRO A 347 -11.48 21.07 -20.39
CA PRO A 347 -10.12 21.50 -20.77
C PRO A 347 -9.82 22.87 -20.21
N PHE A 348 -8.57 23.05 -19.75
CA PHE A 348 -8.07 24.33 -19.24
C PHE A 348 -8.82 24.79 -18.00
N LYS A 349 -9.49 23.85 -17.30
CA LYS A 349 -10.16 24.15 -16.03
C LYS A 349 -9.77 23.02 -15.07
N ASN A 350 -8.65 23.21 -14.37
CA ASN A 350 -8.05 22.13 -13.61
C ASN A 350 -8.76 21.96 -12.27
N LEU A 351 -9.23 20.74 -11.99
CA LEU A 351 -9.67 20.41 -10.64
C LEU A 351 -8.50 20.50 -9.66
N LYS A 352 -7.34 19.95 -10.04
CA LYS A 352 -6.15 20.09 -9.23
C LYS A 352 -4.92 19.66 -10.01
N THR A 353 -3.80 20.30 -9.73
CA THR A 353 -2.53 20.00 -10.35
C THR A 353 -1.58 19.38 -9.33
N GLY A 354 -0.60 18.64 -9.82
CA GLY A 354 0.36 18.02 -8.92
C GLY A 354 1.61 17.60 -9.67
N LYS A 355 2.58 17.10 -8.90
CA LYS A 355 3.84 16.64 -9.47
C LYS A 355 4.26 15.36 -8.78
N TYR A 356 5.19 14.65 -9.43
CA TYR A 356 5.72 13.39 -8.93
C TYR A 356 7.19 13.31 -9.32
N ALA A 357 8.07 13.20 -8.33
CA ALA A 357 9.50 13.15 -8.62
C ALA A 357 10.22 12.07 -7.81
N ARG A 358 9.49 11.11 -7.26
CA ARG A 358 10.13 10.06 -6.46
C ARG A 358 10.97 9.16 -7.36
N MET A 359 12.11 8.71 -6.83
CA MET A 359 12.99 7.76 -7.56
C MET A 359 13.08 6.50 -6.73
N ARG A 360 12.22 5.52 -6.98
CA ARG A 360 12.18 4.25 -6.28
C ARG A 360 13.10 3.25 -6.97
N GLY A 361 13.97 2.63 -6.19
CA GLY A 361 14.89 1.65 -6.75
C GLY A 361 16.15 2.29 -7.28
N ALA A 362 17.23 1.50 -7.28
CA ALA A 362 18.50 1.98 -7.80
C ALA A 362 18.49 2.09 -9.32
N HIS A 363 17.77 1.19 -10.00
CA HIS A 363 17.70 1.17 -11.45
C HIS A 363 16.24 1.27 -11.87
N THR A 364 15.95 2.18 -12.79
CA THR A 364 14.58 2.40 -13.24
C THR A 364 14.60 3.07 -14.60
N ASN A 365 13.44 3.04 -15.26
CA ASN A 365 13.28 3.69 -16.55
C ASN A 365 12.02 4.56 -16.56
N ASP A 366 11.66 5.08 -17.73
CA ASP A 366 10.53 6.00 -17.82
C ASP A 366 9.20 5.28 -17.57
N VAL A 367 9.07 4.04 -18.06
CA VAL A 367 7.80 3.34 -17.97
C VAL A 367 7.43 3.05 -16.52
N LYS A 368 8.40 2.60 -15.72
CA LYS A 368 8.12 2.33 -14.32
C LYS A 368 7.72 3.59 -13.58
N GLN A 369 8.39 4.71 -13.84
CA GLN A 369 8.04 5.96 -13.20
C GLN A 369 6.64 6.42 -13.61
N LEU A 370 6.30 6.26 -14.89
CA LEU A 370 4.95 6.61 -15.34
C LEU A 370 3.90 5.74 -14.66
N THR A 371 4.18 4.45 -14.51
CA THR A 371 3.23 3.56 -13.85
C THR A 371 3.06 3.94 -12.37
N GLU A 372 4.16 4.29 -11.70
CA GLU A 372 4.07 4.71 -10.31
C GLU A 372 3.31 6.02 -10.17
N ALA A 373 3.52 6.96 -11.09
CA ALA A 373 2.77 8.21 -11.06
C ALA A 373 1.28 7.95 -11.27
N VAL A 374 0.95 7.04 -12.18
CA VAL A 374 -0.44 6.66 -12.41
C VAL A 374 -1.05 6.08 -11.14
N GLN A 375 -0.30 5.22 -10.46
CA GLN A 375 -0.80 4.63 -9.21
C GLN A 375 -1.05 5.71 -8.16
N LYS A 376 -0.12 6.66 -8.02
CA LYS A 376 -0.28 7.72 -7.04
C LYS A 376 -1.51 8.56 -7.34
N ILE A 377 -1.68 8.94 -8.62
CA ILE A 377 -2.83 9.75 -9.00
C ILE A 377 -4.13 8.98 -8.77
N THR A 378 -4.13 7.68 -9.06
CA THR A 378 -5.33 6.87 -8.83
C THR A 378 -5.69 6.83 -7.36
N THR A 379 -4.70 6.61 -6.50
CA THR A 379 -4.98 6.55 -5.06
C THR A 379 -5.48 7.90 -4.55
N GLU A 380 -4.85 8.99 -4.99
CA GLU A 380 -5.28 10.32 -4.55
C GLU A 380 -6.70 10.62 -5.02
N SER A 381 -7.02 10.24 -6.26
CA SER A 381 -8.37 10.47 -6.78
C SER A 381 -9.40 9.64 -6.02
N ILE A 382 -9.06 8.40 -5.67
CA ILE A 382 -9.96 7.59 -4.86
C ILE A 382 -10.17 8.24 -3.51
N VAL A 383 -9.12 8.82 -2.94
CA VAL A 383 -9.26 9.51 -1.66
C VAL A 383 -10.20 10.71 -1.78
N ILE A 384 -10.03 11.51 -2.83
CA ILE A 384 -10.77 12.77 -2.93
C ILE A 384 -12.16 12.53 -3.50
N TRP A 385 -12.24 12.03 -4.74
CA TRP A 385 -13.51 11.93 -5.44
C TRP A 385 -14.15 10.55 -5.35
N GLY A 386 -13.44 9.55 -4.85
CA GLY A 386 -14.00 8.22 -4.72
C GLY A 386 -14.08 7.42 -5.99
N LYS A 387 -13.45 7.88 -7.08
CA LYS A 387 -13.47 7.17 -8.34
C LYS A 387 -12.14 7.35 -9.05
N THR A 388 -11.83 6.42 -9.94
CA THR A 388 -10.58 6.44 -10.71
C THR A 388 -10.78 7.27 -11.97
N PRO A 389 -9.88 8.20 -12.26
CA PRO A 389 -10.02 9.04 -13.45
C PRO A 389 -9.55 8.32 -14.71
N LYS A 390 -9.73 8.99 -15.85
CA LYS A 390 -9.27 8.49 -17.14
C LYS A 390 -8.02 9.26 -17.54
N PHE A 391 -6.99 8.53 -17.96
CA PHE A 391 -5.67 9.10 -18.15
C PHE A 391 -5.40 9.43 -19.61
N LYS A 392 -4.64 10.50 -19.83
CA LYS A 392 -4.12 10.88 -21.14
C LYS A 392 -2.60 10.80 -21.05
N LEU A 393 -2.06 9.65 -21.32
CA LEU A 393 -0.64 9.43 -21.12
C LEU A 393 0.16 9.78 -22.37
N PRO A 394 1.40 10.23 -22.21
CA PRO A 394 2.26 10.53 -23.37
C PRO A 394 2.99 9.32 -23.94
N ILE A 395 2.66 8.11 -23.52
CA ILE A 395 3.28 6.89 -24.03
C ILE A 395 2.37 6.28 -25.08
N GLN A 396 2.97 5.78 -26.15
CA GLN A 396 2.21 5.16 -27.22
C GLN A 396 1.68 3.80 -26.78
N LYS A 397 0.56 3.39 -27.38
CA LYS A 397 -0.01 2.09 -27.06
C LYS A 397 0.93 0.96 -27.44
N GLU A 398 1.67 1.12 -28.54
CA GLU A 398 2.62 0.09 -28.97
C GLU A 398 3.72 -0.11 -27.93
N THR A 399 4.27 0.99 -27.41
CA THR A 399 5.34 0.89 -26.44
C THR A 399 4.87 0.23 -25.15
N TRP A 400 3.70 0.63 -24.66
CA TRP A 400 3.17 0.01 -23.44
C TRP A 400 2.84 -1.46 -23.68
N GLU A 401 2.30 -1.79 -24.85
CA GLU A 401 2.01 -3.17 -25.17
C GLU A 401 3.28 -4.01 -25.16
N THR A 402 4.33 -3.52 -25.81
CA THR A 402 5.61 -4.24 -25.84
C THR A 402 6.17 -4.42 -24.44
N TRP A 403 6.15 -3.34 -23.65
CA TRP A 403 6.70 -3.42 -22.30
C TRP A 403 5.95 -4.43 -21.44
N TRP A 404 4.61 -4.30 -21.38
CA TRP A 404 3.85 -5.17 -20.49
C TRP A 404 3.79 -6.61 -20.99
N THR A 405 3.97 -6.83 -22.30
CA THR A 405 4.06 -8.21 -22.78
C THR A 405 5.43 -8.81 -22.48
N GLU A 406 6.48 -8.00 -22.55
CA GLU A 406 7.84 -8.53 -22.36
C GLU A 406 8.31 -8.48 -20.92
N TYR A 407 7.76 -7.60 -20.10
CA TYR A 407 8.19 -7.50 -18.72
C TYR A 407 7.78 -8.74 -17.93
N TRP A 408 8.61 -9.11 -16.96
CA TRP A 408 8.41 -10.32 -16.17
C TRP A 408 7.54 -10.10 -14.94
N GLN A 409 7.08 -8.88 -14.70
CA GLN A 409 6.27 -8.57 -13.54
C GLN A 409 4.90 -8.09 -13.98
N ALA A 410 3.90 -8.36 -13.15
CA ALA A 410 2.52 -7.99 -13.48
C ALA A 410 2.34 -6.48 -13.37
N THR A 411 2.08 -5.82 -14.49
CA THR A 411 1.84 -4.40 -14.53
C THR A 411 0.51 -4.13 -15.19
N TRP A 412 -0.18 -3.10 -14.72
CA TRP A 412 -1.50 -2.74 -15.26
C TRP A 412 -1.79 -1.29 -14.90
N ILE A 413 -2.33 -0.54 -15.86
CA ILE A 413 -2.79 0.82 -15.62
C ILE A 413 -4.25 0.91 -16.06
N PRO A 414 -5.07 1.75 -15.44
CA PRO A 414 -6.48 1.82 -15.82
C PRO A 414 -6.69 2.40 -17.21
N GLU A 415 -7.94 2.58 -17.60
CA GLU A 415 -8.26 3.01 -18.96
C GLU A 415 -7.57 4.33 -19.27
N TRP A 416 -6.93 4.40 -20.44
CA TRP A 416 -6.13 5.55 -20.80
C TRP A 416 -6.07 5.69 -22.31
N GLU A 417 -5.68 6.88 -22.75
CA GLU A 417 -5.51 7.15 -24.17
C GLU A 417 -4.20 7.90 -24.38
N PHE A 418 -3.65 7.78 -25.58
CA PHE A 418 -2.38 8.40 -25.90
C PHE A 418 -2.58 9.85 -26.34
N VAL A 419 -1.72 10.73 -25.83
CA VAL A 419 -1.71 12.14 -26.22
C VAL A 419 -0.33 12.49 -26.74
N ASN A 420 -0.28 13.14 -27.90
CA ASN A 420 0.98 13.47 -28.56
C ASN A 420 1.58 14.71 -27.91
N THR A 421 2.17 14.51 -26.73
CA THR A 421 2.82 15.59 -25.99
C THR A 421 4.31 15.29 -25.86
N PRO A 422 5.17 15.94 -26.64
CA PRO A 422 6.60 15.71 -26.51
C PRO A 422 7.13 16.29 -25.21
N PRO A 423 8.10 15.62 -24.56
CA PRO A 423 8.74 14.36 -24.95
C PRO A 423 7.87 13.14 -24.69
N LEU A 424 8.09 12.05 -25.42
CA LEU A 424 7.28 10.85 -25.30
C LEU A 424 8.03 9.78 -24.53
N VAL A 425 7.28 9.03 -23.71
CA VAL A 425 7.86 7.92 -22.97
C VAL A 425 8.18 6.79 -23.94
N LYS A 426 9.41 6.26 -23.86
CA LYS A 426 9.83 5.21 -24.77
C LYS A 426 10.95 4.41 -24.12
N LEU A 427 11.22 3.24 -24.68
CA LEU A 427 12.34 2.40 -24.29
C LEU A 427 13.45 2.55 -25.32
N TRP A 428 14.65 2.85 -24.84
CA TRP A 428 15.75 3.24 -25.72
C TRP A 428 16.51 2.05 -26.30
N TYR A 429 16.30 0.84 -25.79
CA TYR A 429 16.93 -0.34 -26.36
C TYR A 429 16.14 -1.58 -25.96
N GLN A 430 16.37 -2.66 -26.70
CA GLN A 430 15.73 -3.93 -26.41
C GLN A 430 16.76 -5.05 -26.48
N LEU A 431 16.52 -6.11 -25.74
CA LEU A 431 17.39 -7.28 -25.75
C LEU A 431 16.84 -8.31 -26.73
N GLU A 432 17.70 -8.77 -27.65
CA GLU A 432 17.28 -9.73 -28.65
C GLU A 432 16.89 -11.05 -28.00
N LYS A 433 15.87 -11.69 -28.57
CA LYS A 433 15.41 -12.97 -28.05
C LYS A 433 16.21 -14.15 -28.61
N GLU A 434 17.02 -13.94 -29.64
CA GLU A 434 17.83 -14.99 -30.24
C GLU A 434 19.21 -14.44 -30.55
N PRO A 435 20.23 -15.30 -30.57
CA PRO A 435 21.58 -14.83 -30.88
C PRO A 435 21.68 -14.24 -32.27
N ILE A 436 22.53 -13.22 -32.41
CA ILE A 436 22.75 -12.56 -33.68
C ILE A 436 23.77 -13.34 -34.50
N VAL A 437 23.43 -13.66 -35.73
CA VAL A 437 24.32 -14.39 -36.63
C VAL A 437 25.16 -13.38 -37.40
N GLY A 438 26.48 -13.57 -37.40
CA GLY A 438 27.40 -12.69 -38.07
C GLY A 438 28.15 -11.73 -37.16
N ALA A 439 27.76 -11.63 -35.90
CA ALA A 439 28.39 -10.74 -34.94
C ALA A 439 29.31 -11.52 -34.02
N GLU A 440 30.33 -10.85 -33.50
CA GLU A 440 31.28 -11.48 -32.60
C GLU A 440 30.60 -11.90 -31.31
N THR A 441 31.01 -13.05 -30.78
CA THR A 441 30.48 -13.57 -29.53
C THR A 441 31.49 -13.33 -28.43
N PHE A 442 31.07 -12.62 -27.38
CA PHE A 442 31.95 -12.24 -26.28
C PHE A 442 31.61 -13.07 -25.05
N TYR A 443 32.63 -13.75 -24.51
CA TYR A 443 32.51 -14.43 -23.22
C TYR A 443 33.25 -13.56 -22.22
N VAL A 444 32.50 -12.91 -21.32
CA VAL A 444 33.04 -11.95 -20.38
C VAL A 444 32.97 -12.54 -18.99
N ASP A 445 33.91 -12.15 -18.13
CA ASP A 445 33.89 -12.61 -16.75
C ASP A 445 34.76 -11.70 -15.91
N GLY A 446 34.37 -11.59 -14.64
CA GLY A 446 35.16 -10.82 -13.68
C GLY A 446 35.04 -11.44 -12.31
N ALA A 447 36.09 -11.23 -11.51
CA ALA A 447 36.12 -11.76 -10.16
C ALA A 447 37.02 -10.88 -9.31
N ALA A 448 36.56 -10.56 -8.10
CA ALA A 448 37.27 -9.68 -7.19
C ALA A 448 37.60 -10.43 -5.91
N ASN A 449 38.81 -10.22 -5.40
CA ASN A 449 39.21 -10.85 -4.14
C ASN A 449 38.40 -10.25 -2.99
N ARG A 450 38.04 -11.10 -2.03
CA ARG A 450 37.17 -10.66 -0.95
C ARG A 450 37.93 -9.83 0.08
N GLU A 451 39.21 -10.13 0.30
CA GLU A 451 39.98 -9.47 1.35
C GLU A 451 40.53 -8.11 0.93
N THR A 452 41.42 -8.10 -0.06
CA THR A 452 42.06 -6.86 -0.47
C THR A 452 41.25 -6.06 -1.48
N LYS A 453 40.09 -6.57 -1.91
CA LYS A 453 39.17 -5.85 -2.78
C LYS A 453 39.83 -5.45 -4.11
N LEU A 454 40.69 -6.34 -4.62
CA LEU A 454 41.30 -6.19 -5.94
C LEU A 454 40.78 -7.30 -6.83
N GLY A 455 40.41 -6.96 -8.07
CA GLY A 455 39.80 -7.93 -8.95
C GLY A 455 40.31 -7.81 -10.37
N LYS A 456 39.90 -8.78 -11.19
CA LYS A 456 40.22 -8.79 -12.61
C LYS A 456 38.94 -9.04 -13.41
N ALA A 457 38.75 -8.24 -14.46
CA ALA A 457 37.60 -8.36 -15.34
C ALA A 457 38.08 -8.33 -16.78
N GLY A 458 37.51 -9.19 -17.61
CA GLY A 458 37.95 -9.25 -18.99
C GLY A 458 36.96 -9.99 -19.86
N TYR A 459 37.35 -10.16 -21.12
CA TYR A 459 36.53 -10.82 -22.12
C TYR A 459 37.41 -11.58 -23.09
N VAL A 460 36.81 -12.57 -23.75
CA VAL A 460 37.44 -13.33 -24.82
C VAL A 460 36.45 -13.46 -25.96
N THR A 461 36.94 -13.33 -27.20
CA THR A 461 36.10 -13.35 -28.39
C THR A 461 36.41 -14.57 -29.23
N ASN A 462 35.41 -15.00 -30.00
CA ASN A 462 35.56 -16.15 -30.88
C ASN A 462 36.51 -15.89 -32.04
N LYS A 463 36.84 -14.63 -32.32
CA LYS A 463 37.71 -14.29 -33.43
C LYS A 463 39.16 -14.08 -33.01
N GLY A 464 39.50 -14.40 -31.76
CA GLY A 464 40.86 -14.24 -31.29
C GLY A 464 41.15 -12.84 -30.77
N ARG A 465 40.36 -12.41 -29.79
CA ARG A 465 40.53 -11.06 -29.23
C ARG A 465 40.08 -11.10 -27.77
N GLN A 466 41.05 -11.10 -26.85
CA GLN A 466 40.78 -11.11 -25.43
C GLN A 466 41.46 -9.92 -24.77
N LYS A 467 40.89 -9.51 -23.64
CA LYS A 467 41.44 -8.37 -22.90
C LYS A 467 41.11 -8.55 -21.42
N VAL A 468 42.04 -8.15 -20.56
CA VAL A 468 41.77 -8.20 -19.09
C VAL A 468 42.17 -6.83 -18.53
N VAL A 469 41.35 -6.27 -17.65
CA VAL A 469 41.74 -5.02 -16.95
C VAL A 469 41.59 -5.29 -15.45
N PRO A 470 42.62 -5.09 -14.60
CA PRO A 470 42.52 -5.40 -13.18
C PRO A 470 41.80 -4.23 -12.48
N LEU A 471 40.85 -4.55 -11.62
CA LEU A 471 40.04 -3.47 -10.98
C LEU A 471 40.52 -3.28 -9.54
N THR A 472 40.80 -2.04 -9.13
CA THR A 472 41.15 -1.89 -7.73
C THR A 472 39.97 -1.31 -6.97
N ASN A 473 39.82 -1.73 -5.70
CA ASN A 473 38.75 -1.27 -4.82
C ASN A 473 37.41 -1.54 -5.51
N THR A 474 37.09 -2.84 -5.60
CA THR A 474 35.89 -3.26 -6.32
C THR A 474 35.12 -4.34 -5.55
N THR A 475 34.14 -4.94 -6.22
CA THR A 475 33.30 -5.96 -5.61
C THR A 475 33.03 -7.05 -6.63
N ASN A 476 32.54 -8.20 -6.15
CA ASN A 476 32.31 -9.33 -7.04
C ASN A 476 31.28 -9.01 -8.12
N GLN A 477 30.17 -8.38 -7.74
CA GLN A 477 29.14 -8.05 -8.72
C GLN A 477 29.55 -6.88 -9.61
N LYS A 478 30.14 -5.84 -9.01
CA LYS A 478 30.57 -4.69 -9.80
C LYS A 478 31.68 -5.08 -10.76
N THR A 479 32.36 -6.19 -10.45
CA THR A 479 33.42 -6.70 -11.35
C THR A 479 32.74 -7.29 -12.58
N GLU A 480 31.61 -7.94 -12.37
CA GLU A 480 30.83 -8.48 -13.49
C GLU A 480 30.25 -7.35 -14.33
N LEU A 481 29.76 -6.29 -13.68
CA LEU A 481 29.24 -5.14 -14.42
C LEU A 481 30.33 -4.51 -15.28
N GLN A 482 31.53 -4.33 -14.71
CA GLN A 482 32.63 -3.75 -15.47
C GLN A 482 33.04 -4.66 -16.62
N ALA A 483 33.04 -5.98 -16.40
CA ALA A 483 33.38 -6.92 -17.46
C ALA A 483 32.39 -6.83 -18.61
N ILE A 484 31.09 -6.74 -18.30
CA ILE A 484 30.10 -6.56 -19.34
C ILE A 484 30.32 -5.23 -20.06
N TYR A 485 30.61 -4.16 -19.31
CA TYR A 485 30.89 -2.87 -19.92
C TYR A 485 32.08 -2.94 -20.86
N LEU A 486 33.08 -3.77 -20.52
CA LEU A 486 34.26 -3.87 -21.36
C LEU A 486 33.93 -4.42 -22.74
N ALA A 487 33.01 -5.39 -22.82
CA ALA A 487 32.64 -5.96 -24.11
C ALA A 487 32.00 -4.92 -25.02
N LEU A 488 31.13 -4.07 -24.46
CA LEU A 488 30.45 -3.07 -25.26
C LEU A 488 31.42 -2.06 -25.84
N GLN A 489 32.48 -1.75 -25.08
CA GLN A 489 33.37 -0.65 -25.45
C GLN A 489 34.09 -0.91 -26.77
N ASP A 490 34.60 -2.13 -26.96
CA ASP A 490 35.52 -2.43 -28.05
C ASP A 490 34.94 -3.42 -29.05
N SER A 491 33.68 -3.24 -29.42
CA SER A 491 33.02 -4.10 -30.41
C SER A 491 32.25 -3.24 -31.40
N GLY A 492 31.69 -3.90 -32.41
CA GLY A 492 30.96 -3.23 -33.46
C GLY A 492 29.53 -2.89 -33.05
N LEU A 493 28.70 -2.67 -34.06
CA LEU A 493 27.31 -2.29 -33.80
C LEU A 493 26.43 -3.47 -33.46
N GLU A 494 26.88 -4.70 -33.70
CA GLU A 494 26.15 -5.91 -33.38
C GLU A 494 27.04 -6.79 -32.50
N VAL A 495 26.53 -7.20 -31.34
CA VAL A 495 27.31 -7.96 -30.38
C VAL A 495 26.47 -9.12 -29.85
N ASN A 496 27.11 -10.28 -29.71
CA ASN A 496 26.59 -11.39 -28.93
C ASN A 496 27.43 -11.47 -27.66
N ILE A 497 26.77 -11.42 -26.50
CA ILE A 497 27.47 -11.34 -25.23
C ILE A 497 26.97 -12.45 -24.33
N VAL A 498 27.90 -13.20 -23.77
CA VAL A 498 27.61 -14.29 -22.85
C VAL A 498 28.23 -13.94 -21.51
N THR A 499 27.41 -13.90 -20.47
CA THR A 499 27.85 -13.55 -19.13
C THR A 499 27.67 -14.75 -18.21
N ASN A 500 27.92 -14.53 -16.92
CA ASN A 500 27.84 -15.59 -15.92
C ASN A 500 27.05 -15.21 -14.68
N SER A 501 26.82 -13.93 -14.42
CA SER A 501 26.18 -13.47 -13.19
C SER A 501 24.70 -13.23 -13.40
N GLN A 502 23.89 -13.72 -12.48
CA GLN A 502 22.46 -13.43 -12.48
C GLN A 502 22.18 -11.97 -12.14
N TYR A 503 23.07 -11.35 -11.36
CA TYR A 503 22.88 -9.96 -10.97
C TYR A 503 22.90 -9.03 -12.17
N ALA A 504 23.89 -9.21 -13.06
CA ALA A 504 23.94 -8.40 -14.27
C ALA A 504 22.75 -8.67 -15.17
N LEU A 505 22.29 -9.92 -15.24
CA LEU A 505 21.09 -10.24 -16.00
C LEU A 505 19.89 -9.44 -15.47
N GLY A 506 19.66 -9.52 -14.16
CA GLY A 506 18.53 -8.83 -13.57
C GLY A 506 18.59 -7.32 -13.71
N ILE A 507 19.79 -6.74 -13.64
CA ILE A 507 19.93 -5.30 -13.84
C ILE A 507 19.73 -4.91 -15.30
N ILE A 508 20.25 -5.70 -16.24
CA ILE A 508 20.26 -5.26 -17.63
C ILE A 508 18.93 -5.52 -18.31
N GLN A 509 18.38 -6.72 -18.17
CA GLN A 509 17.21 -7.11 -18.95
C GLN A 509 15.92 -6.43 -18.50
N ALA A 510 16.00 -5.46 -17.59
CA ALA A 510 14.86 -4.64 -17.22
C ALA A 510 14.80 -3.35 -18.01
N GLN A 511 15.69 -3.17 -18.98
CA GLN A 511 15.80 -1.95 -19.76
C GLN A 511 15.81 -0.67 -18.91
N PRO A 512 16.76 -0.53 -18.00
CA PRO A 512 16.88 0.74 -17.26
C PRO A 512 17.37 1.86 -18.16
N ASP A 513 16.99 3.08 -17.80
CA ASP A 513 17.46 4.27 -18.48
C ASP A 513 18.36 5.13 -17.60
N LYS A 514 18.03 5.24 -16.32
CA LYS A 514 18.84 5.98 -15.36
C LYS A 514 19.11 5.10 -14.15
N SER A 515 20.26 5.32 -13.52
CA SER A 515 20.63 4.55 -12.34
C SER A 515 21.51 5.43 -11.45
N GLU A 516 21.60 5.02 -10.19
CA GLU A 516 22.37 5.78 -9.20
C GLU A 516 23.88 5.59 -9.34
N SER A 517 24.33 4.64 -10.15
CA SER A 517 25.75 4.38 -10.33
C SER A 517 26.17 4.78 -11.74
N GLU A 518 27.40 5.29 -11.85
CA GLU A 518 27.89 5.79 -13.14
C GLU A 518 28.22 4.64 -14.09
N LEU A 519 28.66 3.49 -13.56
CA LEU A 519 28.99 2.37 -14.43
C LEU A 519 27.78 1.90 -15.21
N VAL A 520 26.64 1.77 -14.53
CA VAL A 520 25.41 1.37 -15.21
C VAL A 520 24.97 2.42 -16.20
N ASN A 521 25.19 3.70 -15.88
CA ASN A 521 24.84 4.76 -16.83
C ASN A 521 25.67 4.67 -18.11
N GLN A 522 26.98 4.42 -17.98
CA GLN A 522 27.82 4.23 -19.15
C GLN A 522 27.41 2.99 -19.94
N ILE A 523 27.06 1.91 -19.22
CA ILE A 523 26.59 0.70 -19.88
C ILE A 523 25.32 1.00 -20.68
N ILE A 524 24.40 1.77 -20.09
CA ILE A 524 23.16 2.11 -20.77
C ILE A 524 23.42 2.97 -21.99
N GLU A 525 24.34 3.93 -21.89
CA GLU A 525 24.70 4.75 -23.04
C GLU A 525 25.25 3.89 -24.17
N GLN A 526 26.18 2.97 -23.85
CA GLN A 526 26.76 2.11 -24.87
C GLN A 526 25.70 1.20 -25.47
N LEU A 527 24.77 0.70 -24.65
CA LEU A 527 23.68 -0.11 -25.16
C LEU A 527 22.80 0.70 -26.11
N ILE A 528 22.57 1.97 -25.79
CA ILE A 528 21.78 2.84 -26.64
C ILE A 528 22.44 3.00 -28.00
N LYS A 529 23.76 3.21 -28.02
CA LYS A 529 24.41 3.36 -29.31
C LYS A 529 24.65 2.02 -30.02
N LYS A 530 24.37 0.90 -29.36
CA LYS A 530 24.46 -0.42 -29.99
C LYS A 530 23.12 -0.75 -30.63
N GLU A 531 23.14 -1.18 -31.89
CA GLU A 531 21.89 -1.38 -32.64
C GLU A 531 21.32 -2.77 -32.45
N LYS A 532 22.08 -3.74 -31.93
CA LYS A 532 21.57 -5.08 -31.65
C LYS A 532 22.45 -5.71 -30.58
N VAL A 533 21.84 -6.15 -29.48
CA VAL A 533 22.59 -6.76 -28.39
C VAL A 533 21.86 -8.01 -27.93
N TYR A 534 22.62 -9.06 -27.61
CA TYR A 534 22.08 -10.28 -27.04
C TYR A 534 22.83 -10.61 -25.75
N LEU A 535 22.07 -11.01 -24.74
CA LEU A 535 22.64 -11.30 -23.42
C LEU A 535 22.16 -12.67 -22.98
N ALA A 536 23.11 -13.58 -22.73
CA ALA A 536 22.81 -14.93 -22.32
C ALA A 536 23.66 -15.30 -21.10
N TRP A 537 23.10 -16.15 -20.25
CA TRP A 537 23.73 -16.53 -18.99
C TRP A 537 24.08 -18.01 -19.01
N VAL A 538 25.25 -18.33 -18.45
CA VAL A 538 25.71 -19.71 -18.29
C VAL A 538 26.13 -19.89 -16.84
N PRO A 539 25.91 -21.05 -16.22
CA PRO A 539 26.37 -21.26 -14.85
C PRO A 539 27.88 -21.21 -14.74
N ALA A 540 28.36 -21.25 -13.51
CA ALA A 540 29.77 -21.09 -13.19
C ALA A 540 30.39 -22.40 -12.75
N HIS A 541 31.71 -22.52 -12.95
CA HIS A 541 32.52 -23.65 -12.51
C HIS A 541 32.07 -24.97 -13.15
N LYS A 542 31.35 -24.91 -14.26
CA LYS A 542 30.93 -26.11 -14.96
C LYS A 542 31.85 -26.47 -16.12
N GLY A 543 32.92 -25.71 -16.33
CA GLY A 543 33.81 -25.96 -17.46
C GLY A 543 33.13 -25.79 -18.80
N ILE A 544 32.19 -24.86 -18.91
CA ILE A 544 31.45 -24.63 -20.15
C ILE A 544 32.39 -24.04 -21.19
N GLY A 545 32.19 -24.40 -22.45
CA GLY A 545 33.03 -23.91 -23.52
C GLY A 545 32.96 -22.41 -23.71
N GLY A 546 34.11 -21.75 -23.58
CA GLY A 546 34.18 -20.32 -23.82
C GLY A 546 34.49 -19.52 -22.57
N ASN A 547 33.87 -19.89 -21.45
CA ASN A 547 34.03 -19.14 -20.21
C ASN A 547 35.37 -19.42 -19.55
N GLU A 548 36.03 -20.51 -19.93
CA GLU A 548 37.32 -20.86 -19.33
C GLU A 548 38.42 -19.91 -19.77
N GLN A 549 38.40 -19.49 -21.03
CA GLN A 549 39.45 -18.63 -21.56
C GLN A 549 39.47 -17.27 -20.85
N VAL A 550 38.29 -16.67 -20.67
CA VAL A 550 38.21 -15.40 -19.95
C VAL A 550 38.49 -15.62 -18.47
N ASP A 551 38.00 -16.72 -17.92
CA ASP A 551 38.18 -17.02 -16.50
C ASP A 551 39.22 -18.12 -16.29
N THR B 23 -20.98 -18.56 25.04
CA THR B 23 -19.85 -17.63 25.13
C THR B 23 -18.57 -18.36 25.51
N VAL B 24 -17.63 -18.42 24.58
CA VAL B 24 -16.35 -19.11 24.78
C VAL B 24 -15.28 -18.06 25.01
N PRO B 25 -14.62 -18.04 26.16
CA PRO B 25 -13.49 -17.10 26.37
C PRO B 25 -12.38 -17.35 25.36
N VAL B 26 -12.03 -16.30 24.63
CA VAL B 26 -10.96 -16.36 23.64
C VAL B 26 -9.84 -15.43 24.10
N LYS B 27 -8.63 -15.98 24.16
CA LYS B 27 -7.45 -15.23 24.56
C LYS B 27 -6.46 -15.17 23.41
N LEU B 28 -5.68 -14.09 23.39
CA LEU B 28 -4.66 -13.92 22.36
C LEU B 28 -3.47 -14.82 22.64
N LYS B 29 -2.54 -14.85 21.69
CA LYS B 29 -1.33 -15.62 21.87
C LYS B 29 -0.53 -15.05 23.04
N PRO B 30 0.03 -15.90 23.91
CA PRO B 30 0.78 -15.38 25.06
C PRO B 30 1.90 -14.42 24.67
N GLY B 31 1.82 -13.19 25.13
CA GLY B 31 2.81 -12.18 24.81
C GLY B 31 2.53 -11.37 23.56
N MET B 32 1.35 -11.48 22.98
CA MET B 32 0.99 -10.75 21.78
C MET B 32 -0.01 -9.64 22.10
N ASP B 33 -0.18 -8.75 21.13
CA ASP B 33 -1.07 -7.60 21.25
C ASP B 33 -2.17 -7.69 20.20
N GLY B 34 -2.98 -6.64 20.10
CA GLY B 34 -4.06 -6.59 19.15
C GLY B 34 -3.65 -5.99 17.82
N PRO B 35 -4.43 -6.25 16.78
CA PRO B 35 -4.12 -5.68 15.47
C PRO B 35 -4.32 -4.17 15.46
N LYS B 36 -3.39 -3.46 14.82
CA LYS B 36 -3.43 -2.00 14.76
C LYS B 36 -3.13 -1.54 13.33
N VAL B 37 -3.82 -2.14 12.36
CA VAL B 37 -3.59 -1.86 10.95
C VAL B 37 -4.44 -0.67 10.52
N LYS B 38 -3.88 0.15 9.64
CA LYS B 38 -4.61 1.28 9.10
C LYS B 38 -5.65 0.81 8.09
N GLN B 39 -6.46 1.75 7.62
CA GLN B 39 -7.51 1.48 6.65
C GLN B 39 -7.18 2.17 5.33
N TRP B 40 -7.17 1.39 4.25
CA TRP B 40 -6.86 1.93 2.93
C TRP B 40 -8.06 2.68 2.35
N PRO B 41 -7.82 3.62 1.44
CA PRO B 41 -8.93 4.36 0.84
C PRO B 41 -9.83 3.46 0.01
N LEU B 42 -11.10 3.85 -0.06
CA LEU B 42 -12.12 3.07 -0.77
C LEU B 42 -12.85 3.96 -1.76
N THR B 43 -13.54 3.32 -2.69
CA THR B 43 -14.32 4.03 -3.69
C THR B 43 -15.68 4.43 -3.13
N GLU B 44 -16.38 5.28 -3.88
CA GLU B 44 -17.66 5.82 -3.42
C GLU B 44 -18.70 4.70 -3.27
N GLU B 45 -18.79 3.81 -4.26
CA GLU B 45 -19.76 2.73 -4.19
C GLU B 45 -19.48 1.81 -3.02
N LYS B 46 -18.22 1.46 -2.81
CA LYS B 46 -17.85 0.61 -1.68
C LYS B 46 -18.18 1.28 -0.36
N ILE B 47 -17.92 2.58 -0.25
CA ILE B 47 -18.21 3.30 0.98
C ILE B 47 -19.72 3.32 1.25
N LYS B 48 -20.52 3.59 0.21
CA LYS B 48 -21.96 3.61 0.41
C LYS B 48 -22.49 2.23 0.82
N ALA B 49 -22.00 1.18 0.16
CA ALA B 49 -22.43 -0.17 0.52
C ALA B 49 -22.04 -0.50 1.95
N LEU B 50 -20.81 -0.14 2.34
CA LEU B 50 -20.37 -0.40 3.71
C LEU B 50 -21.21 0.35 4.72
N VAL B 51 -21.55 1.61 4.41
CA VAL B 51 -22.38 2.40 5.32
C VAL B 51 -23.74 1.73 5.51
N GLU B 52 -24.37 1.31 4.41
CA GLU B 52 -25.67 0.67 4.50
C GLU B 52 -25.58 -0.63 5.31
N ILE B 53 -24.58 -1.46 5.01
CA ILE B 53 -24.46 -2.75 5.68
C ILE B 53 -24.21 -2.55 7.17
N CYS B 54 -23.25 -1.69 7.52
CA CYS B 54 -22.95 -1.48 8.92
C CYS B 54 -24.13 -0.87 9.66
N THR B 55 -24.88 0.01 8.99
CA THR B 55 -26.08 0.57 9.60
C THR B 55 -27.08 -0.53 9.94
N GLU B 56 -27.31 -1.46 9.01
CA GLU B 56 -28.29 -2.49 9.32
C GLU B 56 -27.78 -3.44 10.41
N MET B 57 -26.53 -3.89 10.34
CA MET B 57 -26.04 -4.79 11.39
C MET B 57 -26.03 -4.10 12.75
N GLU B 58 -25.79 -2.79 12.80
CA GLU B 58 -25.99 -2.08 14.05
C GLU B 58 -27.46 -2.03 14.43
N LYS B 59 -28.36 -2.01 13.44
CA LYS B 59 -29.78 -1.98 13.73
C LYS B 59 -30.24 -3.24 14.44
N GLU B 60 -29.80 -4.42 13.98
CA GLU B 60 -30.10 -5.62 14.76
C GLU B 60 -28.94 -6.06 15.65
N GLY B 61 -28.01 -5.16 15.95
CA GLY B 61 -27.06 -5.41 17.02
C GLY B 61 -25.95 -6.39 16.73
N LYS B 62 -25.57 -6.56 15.46
CA LYS B 62 -24.40 -7.38 15.17
C LYS B 62 -23.11 -6.65 15.52
N ILE B 63 -23.10 -5.32 15.39
CA ILE B 63 -21.96 -4.50 15.74
C ILE B 63 -22.43 -3.35 16.62
N SER B 64 -21.46 -2.63 17.18
CA SER B 64 -21.75 -1.49 18.04
C SER B 64 -20.71 -0.40 17.80
N LYS B 65 -21.16 0.85 17.85
CA LYS B 65 -20.26 1.98 17.68
C LYS B 65 -19.32 2.11 18.88
N ILE B 66 -18.07 2.48 18.60
CA ILE B 66 -17.06 2.67 19.64
C ILE B 66 -16.30 3.96 19.33
N GLY B 67 -15.52 4.40 20.32
CA GLY B 67 -14.76 5.61 20.19
C GLY B 67 -13.28 5.36 19.99
N PRO B 68 -12.46 6.40 20.17
CA PRO B 68 -11.01 6.25 19.97
C PRO B 68 -10.27 5.61 21.14
N GLU B 69 -10.95 5.38 22.27
CA GLU B 69 -10.29 4.73 23.40
C GLU B 69 -9.92 3.28 23.10
N ASN B 70 -10.44 2.70 22.01
CA ASN B 70 -10.02 1.39 21.56
C ASN B 70 -8.88 1.58 20.56
N PRO B 71 -7.66 1.14 20.88
CA PRO B 71 -6.53 1.40 19.98
C PRO B 71 -6.38 0.40 18.85
N TYR B 72 -7.19 -0.65 18.82
CA TYR B 72 -7.08 -1.69 17.80
C TYR B 72 -7.94 -1.36 16.59
N ASN B 73 -7.49 -1.80 15.42
CA ASN B 73 -8.19 -1.52 14.17
C ASN B 73 -7.75 -2.51 13.11
N THR B 74 -8.70 -2.91 12.26
CA THR B 74 -8.44 -3.77 11.12
C THR B 74 -9.07 -3.17 9.88
N PRO B 75 -8.48 -3.40 8.71
CA PRO B 75 -9.06 -2.85 7.48
C PRO B 75 -10.35 -3.56 7.10
N VAL B 76 -11.18 -2.87 6.32
CA VAL B 76 -12.46 -3.40 5.87
C VAL B 76 -12.76 -2.81 4.50
N PHE B 77 -13.54 -3.56 3.71
CA PHE B 77 -13.96 -3.14 2.39
C PHE B 77 -15.17 -3.98 1.98
N ALA B 78 -15.57 -3.89 0.72
CA ALA B 78 -16.74 -4.59 0.23
C ALA B 78 -16.43 -5.26 -1.10
N ILE B 79 -17.10 -6.40 -1.35
CA ILE B 79 -16.87 -7.18 -2.56
C ILE B 79 -18.21 -7.59 -3.16
N LYS B 80 -18.17 -7.90 -4.45
CA LYS B 80 -19.31 -8.50 -5.15
C LYS B 80 -18.98 -9.94 -5.47
N LYS B 81 -19.80 -10.86 -4.95
CA LYS B 81 -19.52 -12.31 -5.13
C LYS B 81 -20.10 -12.78 -6.46
N LYS B 82 -19.83 -14.02 -6.85
CA LYS B 82 -20.27 -14.53 -8.17
C LYS B 82 -21.80 -14.55 -8.24
N ASP B 83 -22.38 -13.99 -9.31
CA ASP B 83 -23.85 -14.01 -9.52
C ASP B 83 -24.59 -13.69 -8.21
N SER B 84 -24.37 -12.50 -7.66
CA SER B 84 -25.12 -12.08 -6.45
C SER B 84 -25.49 -10.60 -6.62
N THR B 85 -24.65 -9.84 -7.33
CA THR B 85 -24.90 -8.40 -7.59
C THR B 85 -25.14 -7.60 -6.30
N LYS B 86 -25.03 -8.23 -5.13
CA LYS B 86 -25.16 -7.47 -3.89
C LYS B 86 -23.83 -7.44 -3.17
N TRP B 87 -23.55 -6.32 -2.51
CA TRP B 87 -22.28 -6.12 -1.84
C TRP B 87 -22.22 -6.94 -0.55
N ARG B 88 -21.02 -7.41 -0.23
CA ARG B 88 -20.77 -8.17 1.00
C ARG B 88 -19.54 -7.59 1.68
N LYS B 89 -19.62 -7.48 3.00
CA LYS B 89 -18.55 -6.88 3.79
C LYS B 89 -17.40 -7.85 3.98
N LEU B 90 -16.17 -7.37 3.74
CA LEU B 90 -14.97 -8.16 3.89
C LEU B 90 -14.03 -7.43 4.84
N VAL B 91 -13.79 -8.01 6.01
CA VAL B 91 -12.89 -7.45 7.00
C VAL B 91 -11.60 -8.25 7.01
N ASP B 92 -10.46 -7.55 7.04
CA ASP B 92 -9.16 -8.19 6.92
C ASP B 92 -8.65 -8.62 8.30
N PHE B 93 -9.17 -9.74 8.76
CA PHE B 93 -8.72 -10.33 10.02
C PHE B 93 -7.50 -11.21 9.81
N ARG B 94 -6.46 -10.67 9.18
CA ARG B 94 -5.24 -11.44 8.99
C ARG B 94 -4.29 -11.31 10.17
N GLU B 95 -4.10 -10.09 10.68
CA GLU B 95 -3.25 -9.90 11.84
C GLU B 95 -3.90 -10.46 13.11
N LEU B 96 -5.22 -10.34 13.23
CA LEU B 96 -5.91 -10.90 14.39
C LEU B 96 -5.83 -12.42 14.40
N ASN B 97 -5.92 -13.04 13.22
CA ASN B 97 -5.84 -14.50 13.15
C ASN B 97 -4.48 -15.01 13.58
N LYS B 98 -3.41 -14.28 13.22
CA LYS B 98 -2.06 -14.72 13.54
C LYS B 98 -1.79 -14.70 15.05
N ARG B 99 -2.57 -13.95 15.82
CA ARG B 99 -2.34 -13.81 17.26
C ARG B 99 -3.46 -14.41 18.10
N THR B 100 -4.40 -15.13 17.48
CA THR B 100 -5.55 -15.64 18.22
C THR B 100 -5.27 -16.96 18.94
N GLN B 101 -4.57 -17.89 18.27
CA GLN B 101 -4.27 -19.20 18.83
C GLN B 101 -5.55 -19.95 19.21
N ASP B 102 -6.34 -20.24 18.19
CA ASP B 102 -7.63 -20.94 18.35
C ASP B 102 -8.57 -20.18 19.27
N PRO B 111 -10.86 -31.91 11.81
CA PRO B 111 -9.62 -32.21 11.08
C PRO B 111 -9.82 -32.20 9.57
N HIS B 112 -8.72 -32.24 8.83
CA HIS B 112 -8.81 -32.23 7.38
C HIS B 112 -9.43 -33.53 6.86
N PRO B 113 -10.29 -33.44 5.84
CA PRO B 113 -10.78 -34.66 5.20
C PRO B 113 -9.68 -35.41 4.48
N ALA B 114 -9.50 -36.68 4.83
CA ALA B 114 -8.44 -37.50 4.23
C ALA B 114 -8.65 -37.66 2.74
N GLY B 115 -9.90 -37.75 2.30
CA GLY B 115 -10.18 -38.01 0.89
C GLY B 115 -11.09 -37.00 0.23
N LEU B 116 -10.94 -35.72 0.59
CA LEU B 116 -11.73 -34.68 -0.07
C LEU B 116 -11.39 -34.56 -1.54
N LYS B 117 -10.12 -34.71 -1.92
CA LYS B 117 -9.73 -34.69 -3.31
C LYS B 117 -10.09 -35.97 -4.06
N LYS B 118 -10.43 -37.04 -3.34
CA LYS B 118 -10.85 -38.28 -3.99
C LYS B 118 -12.16 -38.12 -4.75
N LYS B 119 -12.97 -37.12 -4.39
CA LYS B 119 -14.22 -36.85 -5.10
C LYS B 119 -13.90 -36.12 -6.40
N LYS B 120 -14.92 -35.82 -7.19
CA LYS B 120 -14.74 -35.17 -8.48
C LYS B 120 -15.59 -33.92 -8.67
N SER B 121 -16.55 -33.66 -7.80
CA SER B 121 -17.47 -32.53 -7.94
C SER B 121 -17.65 -31.80 -6.62
N VAL B 122 -16.53 -31.49 -5.95
CA VAL B 122 -16.62 -30.75 -4.70
C VAL B 122 -17.26 -29.39 -4.94
N THR B 123 -18.07 -28.95 -3.97
CA THR B 123 -18.88 -27.75 -4.12
C THR B 123 -18.62 -26.82 -2.93
N VAL B 124 -18.67 -25.52 -3.21
CA VAL B 124 -18.40 -24.49 -2.20
C VAL B 124 -19.73 -23.88 -1.78
N LEU B 125 -19.99 -23.87 -0.48
CA LEU B 125 -21.16 -23.22 0.10
C LEU B 125 -20.71 -22.12 1.05
N ASP B 126 -21.48 -21.03 1.09
CA ASP B 126 -21.12 -19.85 1.87
C ASP B 126 -21.94 -19.83 3.15
N VAL B 127 -21.46 -20.53 4.17
CA VAL B 127 -22.07 -20.48 5.51
C VAL B 127 -21.37 -19.37 6.27
N GLY B 128 -21.86 -18.15 6.06
CA GLY B 128 -21.24 -16.98 6.66
C GLY B 128 -22.17 -16.20 7.57
N ASP B 129 -23.46 -16.33 7.35
CA ASP B 129 -24.46 -15.67 8.18
C ASP B 129 -24.84 -16.47 9.41
N ALA B 130 -24.38 -17.72 9.53
CA ALA B 130 -24.66 -18.53 10.70
C ALA B 130 -23.83 -18.13 11.90
N TYR B 131 -22.71 -17.43 11.70
CA TYR B 131 -21.89 -16.97 12.81
C TYR B 131 -22.49 -15.76 13.53
N PHE B 132 -23.42 -15.06 12.90
CA PHE B 132 -24.03 -13.87 13.50
C PHE B 132 -25.03 -14.20 14.59
N SER B 133 -25.16 -15.48 14.98
CA SER B 133 -26.09 -15.89 16.02
C SER B 133 -25.40 -16.29 17.31
N VAL B 134 -24.07 -16.36 17.32
CA VAL B 134 -23.30 -16.72 18.51
C VAL B 134 -22.56 -15.46 18.98
N PRO B 135 -22.83 -14.95 20.16
CA PRO B 135 -22.18 -13.70 20.60
C PRO B 135 -20.69 -13.90 20.85
N LEU B 136 -19.92 -12.84 20.59
CA LEU B 136 -18.51 -12.83 20.92
C LEU B 136 -18.33 -12.48 22.39
N ASP B 137 -17.31 -13.07 23.00
CA ASP B 137 -17.02 -12.79 24.40
C ASP B 137 -16.60 -11.34 24.59
N GLU B 138 -17.01 -10.77 25.72
CA GLU B 138 -16.83 -9.34 25.95
C GLU B 138 -15.36 -8.94 25.93
N ASP B 139 -14.50 -9.76 26.52
CA ASP B 139 -13.09 -9.41 26.62
C ASP B 139 -12.39 -9.41 25.27
N PHE B 140 -12.98 -10.01 24.25
CA PHE B 140 -12.33 -10.13 22.95
C PHE B 140 -12.85 -9.15 21.91
N ARG B 141 -13.99 -8.50 22.17
CA ARG B 141 -14.62 -7.65 21.15
C ARG B 141 -13.73 -6.48 20.75
N LYS B 142 -12.92 -5.98 21.69
CA LYS B 142 -12.12 -4.79 21.40
C LYS B 142 -11.15 -5.01 20.25
N TYR B 143 -10.67 -6.24 20.07
CA TYR B 143 -9.76 -6.52 18.97
C TYR B 143 -10.46 -6.53 17.62
N THR B 144 -11.76 -6.75 17.59
CA THR B 144 -12.53 -6.82 16.35
C THR B 144 -13.12 -5.47 15.97
N ALA B 145 -12.27 -4.44 15.88
CA ALA B 145 -12.70 -3.09 15.59
C ALA B 145 -12.27 -2.68 14.20
N PHE B 146 -13.10 -1.87 13.54
CA PHE B 146 -12.80 -1.41 12.19
C PHE B 146 -13.34 -0.01 12.01
N THR B 147 -12.83 0.67 10.98
CA THR B 147 -13.14 2.07 10.73
C THR B 147 -13.60 2.25 9.29
N ILE B 148 -14.76 2.89 9.11
CA ILE B 148 -15.26 3.25 7.79
C ILE B 148 -14.83 4.67 7.48
N PRO B 149 -14.15 4.90 6.36
CA PRO B 149 -13.74 6.25 5.99
C PRO B 149 -14.87 7.03 5.31
N SER B 150 -14.57 8.23 4.83
CA SER B 150 -15.53 9.06 4.15
C SER B 150 -14.89 9.67 2.91
N ILE B 151 -15.73 9.97 1.92
CA ILE B 151 -15.24 10.56 0.67
C ILE B 151 -14.79 12.00 0.94
N ASN B 152 -13.59 12.34 0.49
CA ASN B 152 -13.00 13.67 0.64
C ASN B 152 -12.77 14.03 2.10
N ASN B 153 -12.78 13.04 2.99
CA ASN B 153 -12.53 13.23 4.41
C ASN B 153 -13.45 14.29 5.00
N GLU B 154 -14.73 14.21 4.64
CA GLU B 154 -15.72 15.15 5.14
C GLU B 154 -16.09 14.89 6.61
N THR B 155 -15.68 13.75 7.17
CA THR B 155 -16.08 13.37 8.51
C THR B 155 -15.06 12.36 9.03
N PRO B 156 -14.69 12.41 10.31
CA PRO B 156 -13.81 11.38 10.85
C PRO B 156 -14.43 9.99 10.67
N GLY B 157 -13.56 9.01 10.43
CA GLY B 157 -14.04 7.67 10.15
C GLY B 157 -14.85 7.12 11.31
N ILE B 158 -15.90 6.37 10.99
CA ILE B 158 -16.81 5.84 12.00
C ILE B 158 -16.32 4.46 12.40
N ARG B 159 -16.14 4.25 13.71
CA ARG B 159 -15.55 3.02 14.22
C ARG B 159 -16.61 2.11 14.80
N TYR B 160 -16.51 0.82 14.50
CA TYR B 160 -17.42 -0.19 14.99
C TYR B 160 -16.63 -1.36 15.57
N GLN B 161 -17.28 -2.12 16.43
CA GLN B 161 -16.73 -3.36 16.97
C GLN B 161 -17.80 -4.44 16.94
N TYR B 162 -17.36 -5.68 16.86
CA TYR B 162 -18.26 -6.82 16.69
C TYR B 162 -18.79 -7.30 18.04
N ASN B 163 -20.08 -7.66 18.05
CA ASN B 163 -20.70 -8.26 19.23
C ASN B 163 -20.93 -9.76 19.08
N VAL B 164 -21.04 -10.26 17.85
CA VAL B 164 -21.22 -11.68 17.60
C VAL B 164 -19.98 -12.21 16.89
N LEU B 165 -19.96 -13.51 16.62
CA LEU B 165 -18.81 -14.10 15.96
C LEU B 165 -18.63 -13.49 14.57
N PRO B 166 -17.48 -12.90 14.27
CA PRO B 166 -17.33 -12.21 12.98
C PRO B 166 -17.09 -13.16 11.82
N GLN B 167 -16.85 -12.59 10.65
CA GLN B 167 -16.51 -13.35 9.45
C GLN B 167 -15.05 -13.08 9.12
N GLY B 168 -14.36 -14.10 8.61
CA GLY B 168 -12.96 -14.00 8.32
C GLY B 168 -12.04 -14.21 9.51
N TRP B 169 -12.59 -14.53 10.68
CA TRP B 169 -11.81 -14.77 11.88
C TRP B 169 -11.67 -16.27 12.10
N LYS B 170 -10.44 -16.70 12.39
CA LYS B 170 -10.14 -18.12 12.52
C LYS B 170 -10.61 -18.71 13.85
N GLY B 171 -11.36 -17.96 14.64
CA GLY B 171 -11.90 -18.48 15.88
C GLY B 171 -13.38 -18.76 15.79
N SER B 172 -14.05 -18.15 14.81
CA SER B 172 -15.49 -18.38 14.66
C SER B 172 -15.84 -19.83 14.35
N PRO B 173 -15.20 -20.51 13.39
CA PRO B 173 -15.49 -21.94 13.20
C PRO B 173 -15.17 -22.78 14.43
N ALA B 174 -14.14 -22.41 15.19
CA ALA B 174 -13.75 -23.21 16.34
C ALA B 174 -14.82 -23.22 17.42
N ILE B 175 -15.66 -22.19 17.47
CA ILE B 175 -16.73 -22.10 18.45
C ILE B 175 -18.05 -22.63 17.89
N PHE B 176 -18.35 -22.31 16.64
CA PHE B 176 -19.58 -22.76 16.00
C PHE B 176 -19.57 -24.25 15.69
N GLN B 177 -18.43 -24.93 15.84
CA GLN B 177 -18.34 -26.34 15.48
C GLN B 177 -19.23 -27.21 16.36
N SER B 178 -19.34 -26.87 17.65
CA SER B 178 -20.13 -27.66 18.58
C SER B 178 -21.58 -27.77 18.15
N SER B 179 -22.11 -26.77 17.44
CA SER B 179 -23.43 -26.85 16.83
C SER B 179 -23.38 -27.15 15.34
N MET B 180 -22.26 -26.86 14.68
CA MET B 180 -22.12 -27.19 13.26
C MET B 180 -22.19 -28.69 13.04
N THR B 181 -21.58 -29.47 13.94
CA THR B 181 -21.68 -30.92 13.84
C THR B 181 -23.12 -31.39 14.06
N LYS B 182 -23.81 -30.80 15.04
CA LYS B 182 -25.18 -31.25 15.37
C LYS B 182 -26.14 -30.81 14.26
N ILE B 183 -25.76 -29.81 13.47
CA ILE B 183 -26.70 -29.28 12.44
C ILE B 183 -26.42 -29.96 11.11
N LEU B 184 -25.42 -30.84 11.05
CA LEU B 184 -25.15 -31.59 9.81
C LEU B 184 -25.27 -33.10 10.08
N GLU B 185 -25.28 -33.50 11.36
CA GLU B 185 -25.46 -34.94 11.71
C GLU B 185 -26.59 -35.57 10.87
N PRO B 186 -27.80 -34.97 10.77
CA PRO B 186 -28.84 -35.52 9.89
C PRO B 186 -28.33 -35.78 8.47
N PHE B 187 -27.82 -34.75 7.78
CA PHE B 187 -27.39 -34.90 6.37
C PHE B 187 -26.15 -35.80 6.28
N LYS B 188 -25.49 -36.05 7.42
CA LYS B 188 -24.28 -36.89 7.42
C LYS B 188 -24.67 -38.37 7.36
N LYS B 189 -25.89 -38.71 7.79
CA LYS B 189 -26.37 -40.11 7.76
C LYS B 189 -27.37 -40.31 6.61
N GLN B 190 -27.62 -39.26 5.83
CA GLN B 190 -28.54 -39.38 4.66
C GLN B 190 -27.73 -39.88 3.46
N ASN B 191 -26.74 -39.09 3.04
CA ASN B 191 -25.88 -39.49 1.91
C ASN B 191 -24.51 -39.79 2.50
N PRO B 192 -24.21 -41.03 2.95
CA PRO B 192 -22.94 -41.32 3.64
C PRO B 192 -21.71 -41.15 2.75
N ASP B 193 -21.92 -40.77 1.48
CA ASP B 193 -20.79 -40.54 0.54
C ASP B 193 -20.31 -39.09 0.67
N ILE B 194 -20.83 -38.34 1.64
CA ILE B 194 -20.45 -36.90 1.73
C ILE B 194 -19.34 -36.67 2.77
N VAL B 195 -18.13 -36.41 2.29
CA VAL B 195 -17.03 -36.03 3.23
C VAL B 195 -16.98 -34.51 3.17
N ILE B 196 -17.23 -33.83 4.29
CA ILE B 196 -17.33 -32.34 4.24
C ILE B 196 -16.17 -31.66 4.95
N TYR B 197 -16.01 -30.36 4.76
CA TYR B 197 -14.99 -29.56 5.42
C TYR B 197 -15.55 -28.17 5.67
N GLN B 198 -15.25 -27.61 6.84
CA GLN B 198 -15.63 -26.25 7.17
C GLN B 198 -14.37 -25.44 7.45
N TYR B 199 -14.10 -24.43 6.62
CA TYR B 199 -12.91 -23.61 6.78
C TYR B 199 -13.31 -22.15 6.68
N MET B 200 -12.82 -21.32 7.61
CA MET B 200 -13.12 -19.90 7.63
C MET B 200 -14.64 -19.70 7.65
N ASP B 201 -15.21 -19.34 6.50
CA ASP B 201 -16.63 -19.10 6.38
C ASP B 201 -17.30 -19.95 5.31
N ASP B 202 -16.61 -20.93 4.72
CA ASP B 202 -17.19 -21.72 3.64
C ASP B 202 -17.07 -23.21 3.93
N LEU B 203 -18.04 -23.94 3.36
CA LEU B 203 -18.12 -25.40 3.44
C LEU B 203 -17.73 -25.99 2.10
N TYR B 204 -16.77 -26.91 2.12
CA TYR B 204 -16.38 -27.68 0.95
C TYR B 204 -17.02 -29.06 1.08
N VAL B 205 -17.97 -29.35 0.20
CA VAL B 205 -18.71 -30.61 0.27
C VAL B 205 -18.30 -31.49 -0.90
N GLY B 206 -17.82 -32.70 -0.59
CA GLY B 206 -17.37 -33.60 -1.62
C GLY B 206 -18.06 -34.96 -1.58
N SER B 207 -18.75 -35.29 -2.67
CA SER B 207 -19.41 -36.58 -2.80
C SER B 207 -19.16 -37.12 -4.20
N ASP B 208 -18.61 -38.33 -4.27
CA ASP B 208 -18.29 -38.96 -5.54
C ASP B 208 -19.59 -39.46 -6.17
N LEU B 209 -20.23 -38.61 -6.96
CA LEU B 209 -21.50 -38.93 -7.60
C LEU B 209 -21.56 -38.18 -8.93
N GLU B 210 -22.60 -38.45 -9.70
CA GLU B 210 -22.79 -37.80 -10.98
C GLU B 210 -23.23 -36.35 -10.78
N ILE B 211 -23.12 -35.56 -11.85
CA ILE B 211 -23.45 -34.13 -11.77
C ILE B 211 -24.94 -33.95 -11.48
N GLY B 212 -25.77 -34.85 -12.00
CA GLY B 212 -27.20 -34.74 -11.76
C GLY B 212 -27.57 -34.95 -10.30
N GLN B 213 -26.95 -35.94 -9.66
CA GLN B 213 -27.23 -36.22 -8.26
C GLN B 213 -26.68 -35.13 -7.35
N HIS B 214 -25.51 -34.59 -7.70
CA HIS B 214 -24.82 -33.65 -6.81
C HIS B 214 -25.63 -32.38 -6.59
N ARG B 215 -26.20 -31.82 -7.67
CA ARG B 215 -27.01 -30.62 -7.52
C ARG B 215 -28.23 -30.87 -6.65
N THR B 216 -28.88 -32.03 -6.83
CA THR B 216 -29.98 -32.41 -5.95
C THR B 216 -29.48 -32.60 -4.52
N LYS B 217 -28.30 -33.19 -4.36
CA LYS B 217 -27.72 -33.36 -3.04
C LYS B 217 -27.40 -32.01 -2.40
N ILE B 218 -26.84 -31.08 -3.18
CA ILE B 218 -26.56 -29.74 -2.67
C ILE B 218 -27.84 -28.99 -2.36
N GLU B 219 -28.84 -29.10 -3.24
CA GLU B 219 -30.12 -28.44 -2.99
C GLU B 219 -30.79 -29.01 -1.75
N GLU B 220 -30.61 -30.30 -1.49
CA GLU B 220 -31.12 -30.87 -0.25
C GLU B 220 -30.37 -30.32 0.96
N LEU B 221 -29.06 -30.12 0.83
CA LEU B 221 -28.25 -29.66 1.95
C LEU B 221 -28.64 -28.23 2.37
N ARG B 222 -28.83 -27.34 1.39
CA ARG B 222 -29.11 -25.95 1.71
C ARG B 222 -30.43 -25.81 2.45
N GLN B 223 -31.46 -26.56 2.04
CA GLN B 223 -32.73 -26.53 2.73
C GLN B 223 -32.67 -27.28 4.06
N HIS B 224 -31.76 -28.26 4.16
CA HIS B 224 -31.57 -28.99 5.41
C HIS B 224 -31.05 -28.05 6.49
N LEU B 225 -30.19 -27.12 6.11
CA LEU B 225 -29.68 -26.09 7.01
C LEU B 225 -30.64 -24.92 7.15
N LEU B 226 -31.41 -24.63 6.11
CA LEU B 226 -32.35 -23.51 6.13
C LEU B 226 -33.52 -23.79 7.06
N LEU B 250 -16.35 -26.98 -8.70
CA LEU B 250 -14.92 -27.25 -8.76
C LEU B 250 -14.65 -28.61 -9.39
N HIS B 251 -13.38 -28.99 -9.43
CA HIS B 251 -12.96 -30.26 -10.01
C HIS B 251 -11.74 -30.80 -9.28
N PRO B 252 -11.92 -31.44 -8.13
CA PRO B 252 -10.78 -31.88 -7.31
C PRO B 252 -10.13 -33.18 -7.78
N ASP B 253 -10.48 -33.70 -8.96
CA ASP B 253 -9.90 -34.93 -9.46
C ASP B 253 -9.23 -34.78 -10.82
N LYS B 254 -9.11 -33.54 -11.31
CA LYS B 254 -8.44 -33.28 -12.59
C LYS B 254 -7.28 -32.32 -12.42
N TRP B 255 -6.75 -32.23 -11.20
CA TRP B 255 -5.61 -31.36 -10.91
C TRP B 255 -4.33 -32.15 -11.12
N THR B 256 -3.67 -31.90 -12.24
CA THR B 256 -2.44 -32.61 -12.61
C THR B 256 -1.25 -31.67 -12.55
N VAL B 257 -0.12 -32.21 -12.09
CA VAL B 257 1.11 -31.44 -11.97
C VAL B 257 1.70 -31.22 -13.36
N GLN B 258 2.63 -30.28 -13.48
CA GLN B 258 3.33 -30.02 -14.73
C GLN B 258 4.76 -30.51 -14.63
N PRO B 259 5.10 -31.65 -15.23
CA PRO B 259 6.47 -32.17 -15.12
C PRO B 259 7.47 -31.28 -15.85
N ILE B 260 8.70 -31.29 -15.35
CA ILE B 260 9.77 -30.54 -15.98
C ILE B 260 10.13 -31.21 -17.30
N VAL B 261 10.22 -30.41 -18.37
CA VAL B 261 10.49 -30.92 -19.71
C VAL B 261 11.67 -30.18 -20.31
N LEU B 262 12.32 -30.82 -21.30
CA LEU B 262 13.43 -30.32 -22.10
C LEU B 262 12.98 -30.12 -23.55
N PRO B 263 13.60 -29.18 -24.26
CA PRO B 263 13.22 -28.94 -25.65
C PRO B 263 13.52 -30.13 -26.55
N GLU B 264 12.71 -30.28 -27.59
CA GLU B 264 12.87 -31.34 -28.58
C GLU B 264 13.23 -30.73 -29.92
N LYS B 265 14.35 -31.16 -30.48
CA LYS B 265 14.83 -30.66 -31.76
C LYS B 265 15.94 -31.59 -32.25
N ASP B 266 16.52 -31.24 -33.40
CA ASP B 266 17.62 -31.99 -33.98
C ASP B 266 18.89 -31.16 -34.10
N SER B 267 18.79 -29.92 -34.55
CA SER B 267 19.95 -29.03 -34.70
C SER B 267 20.15 -28.28 -33.40
N TRP B 268 21.09 -28.75 -32.58
CA TRP B 268 21.38 -28.14 -31.29
C TRP B 268 22.51 -27.12 -31.46
N THR B 269 22.15 -25.84 -31.46
CA THR B 269 23.12 -24.77 -31.57
C THR B 269 23.83 -24.57 -30.22
N VAL B 270 24.92 -23.81 -30.25
CA VAL B 270 25.71 -23.57 -29.05
C VAL B 270 24.85 -22.91 -27.98
N ASN B 271 24.07 -21.90 -28.37
CA ASN B 271 23.18 -21.25 -27.43
C ASN B 271 22.15 -22.23 -26.88
N ASP B 272 21.60 -23.09 -27.74
CA ASP B 272 20.62 -24.06 -27.29
C ASP B 272 21.23 -25.03 -26.28
N ILE B 273 22.46 -25.49 -26.54
CA ILE B 273 23.14 -26.38 -25.60
C ILE B 273 23.38 -25.66 -24.28
N GLN B 274 23.76 -24.39 -24.33
CA GLN B 274 24.00 -23.64 -23.11
C GLN B 274 22.72 -23.50 -22.28
N LYS B 275 21.60 -23.17 -22.94
CA LYS B 275 20.33 -23.07 -22.22
C LYS B 275 19.91 -24.41 -21.63
N LEU B 276 20.07 -25.49 -22.39
CA LEU B 276 19.71 -26.81 -21.89
C LEU B 276 20.59 -27.21 -20.72
N VAL B 277 21.89 -26.91 -20.78
CA VAL B 277 22.79 -27.24 -19.69
C VAL B 277 22.43 -26.44 -18.44
N GLY B 278 22.11 -25.15 -18.60
CA GLY B 278 21.68 -24.38 -17.45
C GLY B 278 20.39 -24.90 -16.85
N LYS B 279 19.43 -25.30 -17.70
CA LYS B 279 18.18 -25.86 -17.22
C LYS B 279 18.43 -27.15 -16.44
N LEU B 280 19.28 -28.02 -16.98
CA LEU B 280 19.58 -29.29 -16.30
C LEU B 280 20.29 -29.04 -14.97
N ASN B 281 21.25 -28.11 -14.95
CA ASN B 281 21.96 -27.80 -13.71
C ASN B 281 21.01 -27.26 -12.65
N TRP B 282 20.10 -26.36 -13.05
CA TRP B 282 19.14 -25.83 -12.09
C TRP B 282 18.19 -26.91 -11.59
N ALA B 283 17.73 -27.79 -12.50
CA ALA B 283 16.79 -28.84 -12.11
C ALA B 283 17.46 -29.96 -11.32
N SER B 284 18.79 -30.05 -11.35
CA SER B 284 19.48 -31.07 -10.57
C SER B 284 19.19 -30.93 -9.08
N GLN B 285 18.99 -29.71 -8.60
CA GLN B 285 18.63 -29.52 -7.20
C GLN B 285 17.26 -30.13 -6.90
N ILE B 286 16.30 -29.96 -7.80
CA ILE B 286 14.94 -30.48 -7.59
C ILE B 286 14.95 -31.99 -7.76
N TYR B 287 15.53 -32.47 -8.86
CA TYR B 287 15.57 -33.90 -9.15
C TYR B 287 16.99 -34.42 -8.96
N PRO B 288 17.27 -35.20 -7.93
CA PRO B 288 18.62 -35.79 -7.78
C PRO B 288 18.86 -36.85 -8.84
N GLY B 289 19.98 -36.74 -9.54
CA GLY B 289 20.31 -37.69 -10.57
C GLY B 289 20.85 -37.05 -11.84
N ILE B 290 20.49 -35.78 -12.06
CA ILE B 290 20.96 -35.05 -13.23
C ILE B 290 22.47 -34.87 -13.12
N LYS B 291 23.19 -35.32 -14.15
CA LYS B 291 24.65 -35.28 -14.14
C LYS B 291 25.23 -34.21 -15.06
N VAL B 292 24.64 -33.99 -16.25
CA VAL B 292 25.00 -32.97 -17.24
C VAL B 292 26.50 -32.92 -17.51
N ARG B 293 27.28 -33.77 -16.84
CA ARG B 293 28.72 -33.78 -17.04
C ARG B 293 29.07 -34.17 -18.47
N GLN B 294 28.40 -35.19 -19.00
CA GLN B 294 28.84 -35.77 -20.26
C GLN B 294 28.47 -34.90 -21.45
N LEU B 295 27.57 -33.93 -21.26
CA LEU B 295 27.26 -32.89 -22.24
C LEU B 295 28.11 -31.65 -22.08
N CYS B 296 28.40 -31.24 -20.85
CA CYS B 296 29.30 -30.11 -20.63
C CYS B 296 30.69 -30.38 -21.16
N LYS B 297 31.10 -31.65 -21.22
CA LYS B 297 32.37 -32.03 -21.82
C LYS B 297 32.35 -31.92 -23.34
N LEU B 298 31.17 -31.78 -23.95
CA LEU B 298 31.06 -31.62 -25.39
C LEU B 298 31.26 -30.18 -25.83
N LEU B 299 30.66 -29.22 -25.14
CA LEU B 299 30.86 -27.80 -25.47
C LEU B 299 32.24 -27.40 -24.99
N ARG B 300 33.22 -27.49 -25.89
CA ARG B 300 34.60 -27.16 -25.58
C ARG B 300 35.15 -26.25 -26.67
N GLY B 301 35.57 -25.06 -26.29
CA GLY B 301 36.13 -24.09 -27.20
C GLY B 301 35.46 -22.74 -27.08
N THR B 302 35.88 -21.83 -27.96
CA THR B 302 35.33 -20.48 -28.03
C THR B 302 34.40 -20.34 -29.24
N LYS B 303 33.58 -21.35 -29.50
CA LYS B 303 32.72 -21.36 -30.67
C LYS B 303 31.73 -20.20 -30.61
N ALA B 304 31.20 -19.85 -31.78
CA ALA B 304 30.19 -18.81 -31.86
C ALA B 304 28.90 -19.25 -31.15
N LEU B 305 27.95 -18.34 -31.05
CA LEU B 305 26.74 -18.55 -30.29
C LEU B 305 25.62 -19.20 -31.11
N THR B 306 25.87 -19.55 -32.36
CA THR B 306 24.85 -20.16 -33.19
C THR B 306 25.33 -21.42 -33.92
N GLU B 307 26.54 -21.88 -33.65
CA GLU B 307 27.07 -23.05 -34.35
C GLU B 307 26.42 -24.33 -33.81
N VAL B 308 25.95 -25.18 -34.72
CA VAL B 308 25.43 -26.50 -34.35
C VAL B 308 26.50 -27.54 -34.64
N ILE B 309 27.35 -27.81 -33.66
CA ILE B 309 28.42 -28.79 -33.81
C ILE B 309 27.98 -30.23 -33.51
N PRO B 310 27.31 -30.52 -32.36
CA PRO B 310 27.33 -31.90 -31.85
C PRO B 310 26.59 -32.92 -32.71
N LEU B 311 25.32 -32.66 -33.01
CA LEU B 311 24.43 -33.61 -33.65
C LEU B 311 24.46 -34.97 -32.97
N THR B 312 25.17 -35.94 -33.55
CA THR B 312 25.09 -37.33 -33.11
C THR B 312 26.36 -37.73 -32.36
N GLU B 313 26.24 -37.84 -31.04
CA GLU B 313 27.25 -38.50 -30.21
C GLU B 313 26.54 -39.14 -29.02
N GLU B 314 27.32 -39.42 -27.98
CA GLU B 314 26.83 -39.87 -26.69
C GLU B 314 25.94 -38.83 -26.01
N ALA B 315 25.98 -37.58 -26.47
CA ALA B 315 25.09 -36.55 -25.93
C ALA B 315 23.63 -36.91 -26.13
N GLU B 316 23.27 -37.56 -27.23
CA GLU B 316 21.89 -37.99 -27.43
C GLU B 316 21.47 -39.00 -26.37
N LEU B 317 22.34 -39.97 -26.07
CA LEU B 317 22.03 -40.95 -25.04
C LEU B 317 21.92 -40.27 -23.67
N GLU B 318 22.79 -39.31 -23.38
CA GLU B 318 22.68 -38.60 -22.11
C GLU B 318 21.39 -37.81 -22.01
N LEU B 319 20.99 -37.17 -23.11
CA LEU B 319 19.74 -36.42 -23.14
C LEU B 319 18.55 -37.35 -22.91
N ALA B 320 18.57 -38.52 -23.55
CA ALA B 320 17.51 -39.50 -23.33
C ALA B 320 17.48 -39.99 -21.88
N GLU B 321 18.66 -40.24 -21.29
CA GLU B 321 18.72 -40.66 -19.91
C GLU B 321 18.13 -39.60 -18.98
N ASN B 322 18.48 -38.34 -19.20
CA ASN B 322 17.91 -37.26 -18.39
C ASN B 322 16.40 -37.14 -18.60
N ARG B 323 15.95 -37.30 -19.85
CA ARG B 323 14.52 -37.24 -20.13
C ARG B 323 13.76 -38.33 -19.39
N GLU B 324 14.33 -39.54 -19.34
CA GLU B 324 13.65 -40.65 -18.67
C GLU B 324 13.50 -40.40 -17.17
N ILE B 325 14.54 -39.88 -16.52
CA ILE B 325 14.46 -39.63 -15.08
C ILE B 325 13.66 -38.38 -14.77
N LEU B 326 13.50 -37.48 -15.74
CA LEU B 326 12.68 -36.30 -15.50
C LEU B 326 11.21 -36.64 -15.30
N LYS B 327 10.73 -37.74 -15.87
CA LYS B 327 9.32 -38.13 -15.77
C LYS B 327 9.10 -39.02 -14.55
N GLU B 328 9.41 -38.49 -13.37
CA GLU B 328 9.16 -39.15 -12.11
C GLU B 328 8.51 -38.18 -11.14
N PRO B 329 7.66 -38.68 -10.23
CA PRO B 329 6.99 -37.79 -9.27
C PRO B 329 7.79 -37.58 -7.98
N VAL B 330 9.05 -37.16 -8.16
CA VAL B 330 10.03 -36.87 -7.11
C VAL B 330 9.72 -37.52 -5.76
N HIS B 331 10.31 -38.70 -5.53
CA HIS B 331 10.05 -39.44 -4.29
C HIS B 331 10.43 -38.60 -3.08
N GLY B 332 9.59 -38.67 -2.05
CA GLY B 332 9.77 -37.84 -0.87
C GLY B 332 8.72 -36.74 -0.79
N VAL B 333 9.18 -35.49 -0.73
CA VAL B 333 8.37 -34.27 -0.65
C VAL B 333 7.07 -34.51 0.14
N TYR B 334 7.20 -35.06 1.33
CA TYR B 334 6.03 -35.34 2.16
C TYR B 334 5.49 -34.06 2.79
N TYR B 335 4.16 -34.00 2.92
CA TYR B 335 3.50 -32.84 3.50
C TYR B 335 3.53 -32.95 5.03
N ASP B 336 4.35 -32.12 5.66
CA ASP B 336 4.41 -32.06 7.11
C ASP B 336 3.36 -31.09 7.63
N PRO B 337 2.39 -31.55 8.44
CA PRO B 337 1.35 -30.63 8.91
C PRO B 337 1.82 -29.73 10.04
N SER B 338 3.03 -29.20 9.92
CA SER B 338 3.55 -28.23 10.88
C SER B 338 4.23 -27.04 10.25
N LYS B 339 4.70 -27.13 9.00
CA LYS B 339 5.42 -26.04 8.36
C LYS B 339 4.47 -25.21 7.50
N ASP B 340 4.84 -23.95 7.29
CA ASP B 340 4.03 -23.05 6.49
C ASP B 340 4.11 -23.41 5.01
N LEU B 341 3.00 -23.22 4.31
CA LEU B 341 2.92 -23.51 2.88
C LEU B 341 3.23 -22.24 2.10
N ILE B 342 4.21 -22.32 1.21
CA ILE B 342 4.63 -21.19 0.38
C ILE B 342 4.29 -21.49 -1.07
N ALA B 343 3.54 -20.59 -1.70
CA ALA B 343 3.15 -20.70 -3.09
C ALA B 343 3.79 -19.56 -3.87
N GLU B 344 4.58 -19.91 -4.88
CA GLU B 344 5.28 -18.95 -5.71
C GLU B 344 4.70 -18.96 -7.12
N ILE B 345 4.50 -17.77 -7.68
CA ILE B 345 3.83 -17.58 -8.96
C ILE B 345 4.75 -16.84 -9.90
N GLN B 346 4.85 -17.30 -11.14
CA GLN B 346 5.64 -16.66 -12.18
C GLN B 346 4.76 -16.40 -13.40
N LYS B 347 5.05 -15.31 -14.10
CA LYS B 347 4.33 -14.94 -15.31
C LYS B 347 5.14 -15.38 -16.52
N GLN B 348 4.51 -16.16 -17.41
CA GLN B 348 5.21 -16.78 -18.54
C GLN B 348 4.72 -16.24 -19.87
N GLY B 349 4.32 -14.97 -19.92
CA GLY B 349 4.01 -14.34 -21.19
C GLY B 349 2.54 -14.11 -21.47
N GLN B 350 2.02 -14.78 -22.48
CA GLN B 350 0.69 -14.50 -23.02
C GLN B 350 -0.38 -15.15 -22.14
N GLY B 351 -0.67 -14.50 -21.02
CA GLY B 351 -1.75 -14.94 -20.16
C GLY B 351 -1.54 -16.25 -19.45
N GLN B 352 -0.29 -16.65 -19.26
CA GLN B 352 0.05 -17.90 -18.59
C GLN B 352 0.79 -17.62 -17.30
N TRP B 353 0.44 -18.37 -16.25
CA TRP B 353 1.13 -18.26 -14.97
C TRP B 353 1.48 -19.65 -14.50
N THR B 354 2.57 -19.77 -13.76
CA THR B 354 3.01 -21.05 -13.21
C THR B 354 3.15 -20.92 -11.72
N TYR B 355 2.56 -21.85 -10.98
CA TYR B 355 2.58 -21.81 -9.53
C TYR B 355 3.20 -23.08 -8.96
N GLN B 356 3.93 -22.91 -7.87
CA GLN B 356 4.57 -24.01 -7.15
C GLN B 356 4.27 -23.85 -5.67
N ILE B 357 3.71 -24.90 -5.06
CA ILE B 357 3.41 -24.92 -3.63
C ILE B 357 4.39 -25.87 -2.97
N TYR B 358 5.13 -25.37 -1.99
CA TYR B 358 6.17 -26.14 -1.32
C TYR B 358 6.33 -25.62 0.10
N GLN B 359 6.90 -26.47 0.96
CA GLN B 359 7.25 -26.07 2.32
C GLN B 359 8.69 -25.59 2.44
N GLU B 360 9.61 -26.27 1.77
CA GLU B 360 11.03 -25.93 1.73
C GLU B 360 11.52 -25.99 0.30
N PRO B 361 12.53 -25.20 -0.05
CA PRO B 361 12.85 -24.99 -1.47
C PRO B 361 13.23 -26.27 -2.20
N PHE B 362 12.86 -26.31 -3.48
CA PHE B 362 13.22 -27.36 -4.43
C PHE B 362 12.48 -28.67 -4.15
N LYS B 363 11.73 -28.72 -3.04
CA LYS B 363 10.87 -29.87 -2.75
C LYS B 363 9.42 -29.43 -2.95
N ASN B 364 8.98 -29.51 -4.21
CA ASN B 364 7.67 -28.98 -4.59
C ASN B 364 6.56 -29.97 -4.20
N LEU B 365 5.69 -29.53 -3.29
CA LEU B 365 4.51 -30.33 -2.97
C LEU B 365 3.57 -30.42 -4.17
N LYS B 366 3.41 -29.32 -4.89
CA LYS B 366 2.55 -29.32 -6.07
C LYS B 366 3.06 -28.28 -7.07
N THR B 367 2.88 -28.58 -8.35
CA THR B 367 3.23 -27.66 -9.42
C THR B 367 2.07 -27.59 -10.40
N GLY B 368 1.88 -26.43 -11.00
CA GLY B 368 0.77 -26.31 -11.94
C GLY B 368 0.88 -25.04 -12.76
N LYS B 369 0.02 -24.98 -13.77
CA LYS B 369 -0.09 -23.82 -14.66
C LYS B 369 -1.53 -23.35 -14.70
N TYR B 370 -1.70 -22.04 -14.64
CA TYR B 370 -3.01 -21.39 -14.68
C TYR B 370 -3.02 -20.47 -15.90
N ALA B 371 -3.91 -20.74 -16.85
CA ALA B 371 -3.98 -19.95 -18.07
C ALA B 371 -5.23 -19.09 -18.15
N ARG B 372 -6.35 -19.55 -17.58
CA ARG B 372 -7.60 -18.80 -17.59
C ARG B 372 -8.03 -18.43 -19.00
N MET B 373 -7.38 -17.41 -19.56
CA MET B 373 -7.70 -16.94 -20.90
C MET B 373 -6.46 -16.28 -21.49
N ARG B 374 -6.52 -16.02 -22.79
CA ARG B 374 -5.42 -15.39 -23.51
C ARG B 374 -5.21 -13.95 -23.05
N GLY B 375 -4.27 -13.26 -23.68
CA GLY B 375 -3.94 -11.90 -23.30
C GLY B 375 -5.01 -10.87 -23.63
N ALA B 376 -6.21 -11.33 -23.98
CA ALA B 376 -7.32 -10.41 -24.21
C ALA B 376 -7.61 -9.59 -22.96
N HIS B 377 -7.58 -10.22 -21.78
CA HIS B 377 -7.60 -9.49 -20.54
C HIS B 377 -6.25 -8.83 -20.31
N THR B 378 -6.14 -7.55 -20.68
CA THR B 378 -4.92 -6.79 -20.44
C THR B 378 -4.70 -6.60 -18.95
N ASN B 379 -5.72 -6.88 -18.16
CA ASN B 379 -5.68 -6.75 -16.71
C ASN B 379 -4.85 -7.89 -16.12
N ASP B 380 -3.56 -7.62 -15.94
CA ASP B 380 -2.69 -8.58 -15.28
C ASP B 380 -3.08 -8.76 -13.82
N VAL B 381 -3.54 -7.69 -13.17
CA VAL B 381 -3.94 -7.80 -11.77
C VAL B 381 -5.14 -8.72 -11.61
N LYS B 382 -6.10 -8.64 -12.54
CA LYS B 382 -7.26 -9.53 -12.49
C LYS B 382 -6.84 -10.99 -12.64
N GLN B 383 -5.95 -11.28 -13.59
CA GLN B 383 -5.49 -12.64 -13.78
C GLN B 383 -4.73 -13.14 -12.57
N LEU B 384 -3.88 -12.29 -11.98
CA LEU B 384 -3.14 -12.68 -10.79
C LEU B 384 -4.08 -12.95 -9.63
N THR B 385 -5.12 -12.12 -9.45
CA THR B 385 -6.08 -12.33 -8.38
C THR B 385 -6.84 -13.63 -8.57
N GLU B 386 -7.28 -13.90 -9.80
CA GLU B 386 -7.98 -15.15 -10.07
C GLU B 386 -7.08 -16.35 -9.82
N ALA B 387 -5.81 -16.26 -10.23
CA ALA B 387 -4.87 -17.35 -9.98
C ALA B 387 -4.67 -17.56 -8.49
N VAL B 388 -4.55 -16.48 -7.72
CA VAL B 388 -4.37 -16.59 -6.28
C VAL B 388 -5.58 -17.26 -5.65
N GLN B 389 -6.78 -16.85 -6.06
CA GLN B 389 -7.99 -17.47 -5.51
C GLN B 389 -8.06 -18.96 -5.86
N LYS B 390 -7.72 -19.31 -7.11
CA LYS B 390 -7.76 -20.71 -7.50
C LYS B 390 -6.75 -21.54 -6.72
N ILE B 391 -5.53 -21.02 -6.55
CA ILE B 391 -4.51 -21.75 -5.80
C ILE B 391 -4.93 -21.91 -4.35
N THR B 392 -5.50 -20.86 -3.76
CA THR B 392 -5.97 -20.95 -2.37
C THR B 392 -7.06 -21.99 -2.23
N THR B 393 -8.01 -22.02 -3.17
CA THR B 393 -9.07 -23.02 -3.12
C THR B 393 -8.51 -24.42 -3.24
N GLU B 394 -7.55 -24.62 -4.15
CA GLU B 394 -6.92 -25.93 -4.29
C GLU B 394 -6.22 -26.34 -3.01
N SER B 395 -5.50 -25.41 -2.39
CA SER B 395 -4.78 -25.73 -1.16
C SER B 395 -5.72 -26.09 -0.02
N ILE B 396 -6.83 -25.35 0.11
CA ILE B 396 -7.81 -25.68 1.14
C ILE B 396 -8.45 -27.02 0.86
N VAL B 397 -8.68 -27.35 -0.42
CA VAL B 397 -9.26 -28.65 -0.76
C VAL B 397 -8.31 -29.78 -0.41
N ILE B 398 -7.03 -29.63 -0.78
CA ILE B 398 -6.08 -30.74 -0.64
C ILE B 398 -5.50 -30.77 0.76
N TRP B 399 -4.81 -29.71 1.16
CA TRP B 399 -4.12 -29.70 2.44
C TRP B 399 -4.93 -29.09 3.57
N GLY B 400 -5.89 -28.21 3.26
CA GLY B 400 -6.69 -27.58 4.28
C GLY B 400 -6.06 -26.37 4.94
N LYS B 401 -4.91 -25.91 4.43
CA LYS B 401 -4.22 -24.77 5.00
C LYS B 401 -3.99 -23.73 3.91
N THR B 402 -4.33 -22.49 4.20
CA THR B 402 -4.11 -21.42 3.24
C THR B 402 -2.61 -21.11 3.15
N PRO B 403 -2.04 -21.06 1.96
CA PRO B 403 -0.59 -20.88 1.82
C PRO B 403 -0.18 -19.43 2.03
N LYS B 404 1.13 -19.20 1.98
CA LYS B 404 1.72 -17.88 1.97
C LYS B 404 2.22 -17.61 0.56
N PHE B 405 1.71 -16.55 -0.06
CA PHE B 405 1.95 -16.30 -1.47
C PHE B 405 3.13 -15.36 -1.68
N LYS B 406 3.86 -15.59 -2.77
CA LYS B 406 4.96 -14.72 -3.20
C LYS B 406 4.57 -14.15 -4.55
N LEU B 407 3.83 -13.05 -4.53
CA LEU B 407 3.25 -12.48 -5.74
C LEU B 407 4.30 -11.75 -6.56
N PRO B 408 4.33 -11.97 -7.88
CA PRO B 408 5.25 -11.24 -8.76
C PRO B 408 4.66 -9.92 -9.25
N ILE B 409 4.48 -8.99 -8.31
CA ILE B 409 3.86 -7.71 -8.61
C ILE B 409 4.36 -6.68 -7.61
N GLN B 410 4.44 -5.42 -8.05
CA GLN B 410 4.83 -4.34 -7.17
C GLN B 410 3.77 -4.12 -6.10
N LYS B 411 4.22 -3.65 -4.93
CA LYS B 411 3.32 -3.52 -3.79
C LYS B 411 2.19 -2.53 -4.06
N GLU B 412 2.51 -1.38 -4.63
CA GLU B 412 1.51 -0.34 -4.81
C GLU B 412 0.41 -0.79 -5.77
N THR B 413 0.78 -1.43 -6.88
CA THR B 413 -0.23 -1.88 -7.84
C THR B 413 -1.17 -2.88 -7.22
N TRP B 414 -0.62 -3.87 -6.51
CA TRP B 414 -1.47 -4.89 -5.89
C TRP B 414 -2.37 -4.27 -4.84
N GLU B 415 -1.80 -3.47 -3.94
CA GLU B 415 -2.62 -2.88 -2.89
C GLU B 415 -3.68 -1.94 -3.45
N THR B 416 -3.43 -1.34 -4.61
CA THR B 416 -4.41 -0.44 -5.20
C THR B 416 -5.54 -1.21 -5.87
N TRP B 417 -5.22 -2.31 -6.57
CA TRP B 417 -6.19 -2.91 -7.48
C TRP B 417 -6.73 -4.27 -7.05
N TRP B 418 -6.17 -4.91 -6.02
CA TRP B 418 -6.60 -6.26 -5.70
C TRP B 418 -8.00 -6.30 -5.10
N THR B 419 -8.47 -5.19 -4.52
CA THR B 419 -9.82 -5.17 -3.96
C THR B 419 -10.89 -5.15 -5.05
N GLU B 420 -10.55 -4.62 -6.22
CA GLU B 420 -11.53 -4.48 -7.30
C GLU B 420 -11.95 -5.81 -7.89
N TYR B 421 -11.18 -6.88 -7.67
CA TYR B 421 -11.48 -8.17 -8.29
C TYR B 421 -11.54 -9.33 -7.29
N TRP B 422 -11.28 -9.09 -6.01
CA TRP B 422 -11.40 -10.16 -5.03
C TRP B 422 -12.85 -10.57 -4.87
N GLN B 423 -13.08 -11.89 -4.80
CA GLN B 423 -14.44 -12.40 -4.67
C GLN B 423 -14.51 -13.57 -3.69
N ALA B 424 -13.58 -13.68 -2.77
CA ALA B 424 -13.55 -14.79 -1.81
C ALA B 424 -13.70 -14.26 -0.39
N THR B 425 -14.32 -15.07 0.47
CA THR B 425 -14.58 -14.66 1.84
C THR B 425 -13.32 -14.63 2.70
N TRP B 426 -12.29 -15.39 2.35
CA TRP B 426 -11.06 -15.44 3.11
C TRP B 426 -9.97 -14.64 2.41
N ILE B 427 -8.89 -14.40 3.13
CA ILE B 427 -7.75 -13.64 2.60
C ILE B 427 -6.47 -14.37 2.94
N PRO B 428 -5.60 -14.63 1.97
CA PRO B 428 -4.30 -15.24 2.27
C PRO B 428 -3.24 -14.19 2.60
N GLU B 429 -2.19 -14.65 3.24
CA GLU B 429 -1.04 -13.81 3.53
C GLU B 429 -0.07 -13.85 2.37
N TRP B 430 0.45 -12.68 1.99
CA TRP B 430 1.29 -12.60 0.80
C TRP B 430 2.42 -11.61 1.01
N GLU B 431 3.51 -11.83 0.27
CA GLU B 431 4.61 -10.90 0.13
C GLU B 431 4.88 -10.71 -1.36
N PHE B 432 5.82 -9.83 -1.68
CA PHE B 432 6.04 -9.49 -3.11
C PHE B 432 7.47 -9.79 -3.54
N VAL B 433 7.65 -10.50 -4.63
CA VAL B 433 9.02 -10.92 -5.03
C VAL B 433 9.56 -10.01 -6.09
N ASN B 434 10.70 -10.41 -6.66
CA ASN B 434 11.41 -9.60 -7.69
C ASN B 434 12.48 -10.49 -8.33
N THR B 435 12.05 -11.65 -8.85
CA THR B 435 12.98 -12.64 -9.46
C THR B 435 13.01 -12.42 -10.96
N PRO B 436 13.91 -11.58 -11.56
CA PRO B 436 13.98 -11.47 -12.97
C PRO B 436 14.18 -12.87 -13.53
N PRO B 437 13.69 -13.13 -14.75
CA PRO B 437 13.75 -14.46 -15.34
C PRO B 437 15.00 -15.28 -15.07
N LEU B 438 14.84 -16.47 -14.50
CA LEU B 438 16.01 -17.36 -14.37
C LEU B 438 16.12 -18.02 -15.74
N VAL B 439 15.52 -17.40 -16.77
CA VAL B 439 15.51 -17.93 -18.17
C VAL B 439 14.57 -19.14 -18.24
N LYS B 440 13.24 -18.94 -18.25
CA LYS B 440 12.23 -20.04 -18.24
C LYS B 440 12.43 -20.94 -17.04
N LEU B 441 12.93 -22.16 -17.27
CA LEU B 441 13.24 -23.11 -16.18
C LEU B 441 11.98 -23.79 -15.63
N TRP B 442 10.92 -23.06 -15.28
CA TRP B 442 9.73 -23.70 -14.63
C TRP B 442 8.61 -23.83 -15.65
N TYR B 443 8.75 -23.14 -16.77
CA TYR B 443 7.75 -23.20 -17.86
C TYR B 443 7.27 -24.64 -18.00
#